data_8Q7D
#
_entry.id   8Q7D
#
_cell.length_a   1.00
_cell.length_b   1.00
_cell.length_c   1.00
_cell.angle_alpha   90.00
_cell.angle_beta   90.00
_cell.angle_gamma   90.00
#
_symmetry.space_group_name_H-M   'P 1'
#
loop_
_entity.id
_entity.type
_entity.pdbx_description
1 polymer 'Putative neck protein'
2 polymer 'Portal protein'
3 polymer 'DNA forward strand (120-MER)'
4 polymer 'DNA reverse strand (120-MER)'
5 non-polymer 'ZINC ION'
#
loop_
_entity_poly.entity_id
_entity_poly.type
_entity_poly.pdbx_seq_one_letter_code
_entity_poly.pdbx_strand_id
1 'polypeptide(L)'
;MVNSMFGGDLDPYEKSLNYEYPYHPSGNPKHIDVSEIDNLTLADYGWSPDAVKAYMFGIVVQNPDTGQPMGDEFYNHILE
RAVGKAERALDISILPDTQHEMRDYHETEFNSYMFVHAYRKPILQVENLQLQFNGRPIYKYPANWWKVEHLAGHVQLFPT
ALMQTGQSMSYDAVFNGYPQLAGVYPPSGATFAPQMIRLEYVSGMLPRKKAGRNKPWEMPPELEQLVIKYALKEIYQVWG
NLIIGAGIANKTLEVDGITETIGTTQSAMYGGASAQILQINEDIKELLDGLRAYFGYNMIGL
;
d
2 'polypeptide(L)'
;MADLFKQFRLGKDYGNNSTIAQVPIDEGLQANIKKIEQDNKEYQDLTKSLYGQQQAYAEPFIEMMDTNPEFRDKRSYMKN
EHNLHDVLKKFGNNPILNAIILTRSNQVAMYCQPARYSEKGLGFEVRLRDLDAEPGRKEKEEMKRIEDFIVNTGKDKDVD
RDSFQTFCKKIVRDTYIYDQVNFEKVFNKNNKTKLEKFIAVDPSTIFYATDKKGKIIKGGKRFVQVVDKRVVASFTSREL
AMGIRNPRTELSSSGYGLSEVEIAMKEFIAYNNTESFNDRFFSHGGTTRGILQIRSDQQQSQHALENFKREWKSSLSGIN
GSWQIPVVMADDIKFVNMTPTANDMQFEKWLNYLINIISALYGIDPAEIGFPNRGGATGSKGGSTLNEADPGKKQQQSQN
KGLQPLLRFIEDLVNRHIISEYGDKYTFQFVGGDTKSATDKLNILKLETQIFKTVNEAREEQGKKPIEGGDIILDASFLQ
GTAQLQQDKQYNDGKQKERLQMMMSLLEGDNDDSEEGQSTDSSNDDKEIGTDAQIKGDDNVYRTQTSNKGQGRKGEKSSD
FKH
;
p
3 'polydeoxyribonucleotide'
;(DT)(DA)(DC)(DA)(DC)(DT)(DT)(DA)(DT)(DC)(DT)(DA)(DC)(DA)(DC)(DT)(DT)(DA)(DT)(DC)
(DT)(DA)(DC)(DA)(DC)(DT)(DT)(DA)(DT)(DC)(DT)(DA)(DC)(DA)(DC)(DT)(DT)(DA)(DT)(DC)
(DT)(DA)(DC)(DA)(DC)(DT)(DT)(DA)(DT)(DC)(DT)(DA)(DC)(DA)(DC)(DT)(DT)(DA)(DT)(DC)
(DT)(DA)(DC)(DA)(DC)(DT)(DT)(DA)(DT)(DC)(DT)(DA)(DC)(DA)(DC)(DT)(DT)(DA)(DT)(DC)
(DT)(DA)(DC)(DA)(DC)(DT)(DT)(DA)(DT)(DC)(DT)(DA)(DC)(DA)(DC)(DT)(DT)(DA)(DT)(DC)
(DT)(DA)(DC)(DA)(DC)(DT)(DT)(DA)(DT)(DC)(DT)(DA)(DC)(DA)(DC)(DT)(DT)(DA)(DT)(DC)
;
Y
4 'polydeoxyribonucleotide'
;(DG)(DA)(DT)(DA)(DA)(DG)(DT)(DG)(DT)(DA)(DG)(DA)(DT)(DA)(DA)(DG)(DT)(DG)(DT)(DA)
(DG)(DA)(DT)(DA)(DA)(DG)(DT)(DG)(DT)(DA)(DG)(DA)(DT)(DA)(DA)(DG)(DT)(DG)(DT)(DA)
(DG)(DA)(DT)(DA)(DA)(DG)(DT)(DG)(DT)(DA)(DG)(DA)(DT)(DA)(DA)(DG)(DT)(DG)(DT)(DA)
(DG)(DA)(DT)(DA)(DA)(DG)(DT)(DG)(DT)(DA)(DG)(DA)(DT)(DA)(DA)(DG)(DT)(DG)(DT)(DA)
(DG)(DA)(DT)(DA)(DA)(DG)(DT)(DG)(DT)(DA)(DG)(DA)(DT)(DA)(DA)(DG)(DT)(DG)(DT)(DA)
(DG)(DA)(DT)(DA)(DA)(DG)(DT)(DG)(DT)(DA)(DG)(DA)(DT)(DA)(DA)(DG)(DT)(DG)(DT)(DA)
;
Z
#
loop_
_chem_comp.id
_chem_comp.type
_chem_comp.name
_chem_comp.formula
DA DNA linking 2'-DEOXYADENOSINE-5'-MONOPHOSPHATE 'C10 H14 N5 O6 P'
DC DNA linking 2'-DEOXYCYTIDINE-5'-MONOPHOSPHATE 'C9 H14 N3 O7 P'
DG DNA linking 2'-DEOXYGUANOSINE-5'-MONOPHOSPHATE 'C10 H14 N5 O7 P'
DT DNA linking THYMIDINE-5'-MONOPHOSPHATE 'C10 H15 N2 O8 P'
ZN non-polymer 'ZINC ION' 'Zn 2'
#
# COMPACT_ATOMS: atom_id res chain seq x y z
N LEU A 17 35.61 9.60 12.50
CA LEU A 17 35.62 9.62 14.00
C LEU A 17 36.76 8.76 14.53
N ASN A 18 37.36 9.21 15.64
CA ASN A 18 38.41 8.46 16.33
C ASN A 18 38.06 8.38 17.81
N TYR A 19 38.25 7.21 18.39
CA TYR A 19 37.80 6.94 19.75
C TYR A 19 38.52 5.71 20.27
N GLU A 20 38.51 5.54 21.59
CA GLU A 20 38.90 4.28 22.20
C GLU A 20 37.89 3.21 21.80
N TYR A 21 38.38 2.12 21.21
CA TYR A 21 37.63 1.31 20.25
C TYR A 21 36.17 1.08 20.63
N PRO A 22 35.85 0.45 21.76
CA PRO A 22 34.43 0.14 22.02
C PRO A 22 33.58 1.37 22.21
N TYR A 23 34.18 2.51 22.55
CA TYR A 23 33.44 3.66 23.07
C TYR A 23 33.15 4.65 21.96
N HIS A 24 32.44 4.18 20.94
CA HIS A 24 32.06 5.06 19.84
C HIS A 24 31.24 6.23 20.39
N PRO A 25 31.60 7.48 20.09
CA PRO A 25 31.07 8.61 20.88
C PRO A 25 29.58 8.88 20.70
N SER A 26 28.93 8.33 19.67
CA SER A 26 27.49 8.42 19.55
C SER A 26 26.76 7.26 20.23
N GLY A 27 27.15 6.02 19.92
CA GLY A 27 26.39 4.87 20.32
C GLY A 27 26.77 4.28 21.67
N ASN A 28 28.02 4.47 22.09
CA ASN A 28 28.50 3.85 23.33
C ASN A 28 29.55 4.73 24.00
N PRO A 29 29.26 6.01 24.26
CA PRO A 29 30.26 6.88 24.89
C PRO A 29 30.77 6.31 26.21
N LYS A 30 32.07 6.51 26.45
CA LYS A 30 32.69 6.09 27.70
C LYS A 30 32.25 6.98 28.85
N HIS A 31 31.73 6.36 29.92
CA HIS A 31 31.36 7.10 31.11
C HIS A 31 32.24 6.80 32.32
N ILE A 32 32.90 5.64 32.37
CA ILE A 32 33.81 5.31 33.46
C ILE A 32 34.96 4.49 32.91
N ASP A 33 36.13 4.61 33.55
CA ASP A 33 37.24 3.70 33.28
C ASP A 33 37.09 2.44 34.14
N VAL A 34 37.43 1.30 33.55
CA VAL A 34 37.35 0.01 34.23
C VAL A 34 38.34 -0.13 35.38
N SER A 35 39.21 0.87 35.58
CA SER A 35 39.96 0.98 36.83
C SER A 35 39.23 1.76 37.92
N GLU A 36 38.40 2.73 37.54
CA GLU A 36 37.70 3.54 38.54
C GLU A 36 36.62 2.75 39.27
N ILE A 37 36.05 1.73 38.63
CA ILE A 37 35.04 0.91 39.28
C ILE A 37 35.57 0.19 40.51
N ASP A 38 36.89 0.01 40.59
CA ASP A 38 37.48 -0.49 41.84
C ASP A 38 37.71 0.62 42.85
N ASN A 39 37.92 1.85 42.36
CA ASN A 39 38.28 2.97 43.23
C ASN A 39 37.07 3.63 43.88
N LEU A 40 35.87 3.46 43.32
CA LEU A 40 34.68 4.06 43.90
C LEU A 40 34.26 3.34 45.18
N THR A 41 33.76 4.12 46.15
CA THR A 41 33.40 3.64 47.47
C THR A 41 32.07 4.27 47.89
N LEU A 42 31.45 3.65 48.90
CA LEU A 42 30.17 4.15 49.42
C LEU A 42 30.23 5.61 49.83
N ALA A 43 31.35 6.03 50.45
CA ALA A 43 31.47 7.42 50.89
C ALA A 43 31.45 8.39 49.73
N ASP A 44 31.86 7.95 48.54
CA ASP A 44 31.78 8.81 47.35
C ASP A 44 30.34 9.09 46.95
N TYR A 45 29.40 8.24 47.31
CA TYR A 45 27.97 8.50 47.13
C TYR A 45 27.32 9.20 48.33
N GLY A 46 28.10 9.61 49.33
CA GLY A 46 27.54 10.26 50.50
C GLY A 46 26.99 9.34 51.56
N TRP A 47 27.06 8.02 51.37
CA TRP A 47 26.62 7.07 52.37
C TRP A 47 27.74 6.87 53.40
N SER A 48 27.63 7.60 54.50
CA SER A 48 28.66 7.65 55.54
C SER A 48 27.99 7.68 56.90
N PRO A 49 28.65 7.15 57.94
CA PRO A 49 28.10 7.31 59.31
C PRO A 49 27.74 8.74 59.68
N ASP A 50 28.57 9.72 59.31
CA ASP A 50 28.25 11.12 59.57
C ASP A 50 26.93 11.54 58.93
N ALA A 51 26.66 11.05 57.72
CA ALA A 51 25.39 11.35 57.06
C ALA A 51 24.19 10.79 57.83
N VAL A 52 24.29 9.57 58.35
CA VAL A 52 23.22 9.04 59.20
C VAL A 52 23.10 9.87 60.48
N LYS A 53 24.19 10.06 61.20
CA LYS A 53 24.18 10.85 62.44
C LYS A 53 23.56 12.24 62.23
N ALA A 54 23.81 12.86 61.08
CA ALA A 54 23.20 14.15 60.80
C ALA A 54 21.68 14.09 60.89
N TYR A 55 21.07 13.01 60.39
CA TYR A 55 19.62 12.86 60.50
C TYR A 55 19.16 12.52 61.91
N MET A 56 20.07 12.16 62.81
CA MET A 56 19.78 12.04 64.24
C MET A 56 20.51 13.11 65.05
N PHE A 57 20.55 14.33 64.52
CA PHE A 57 21.11 15.45 65.26
C PHE A 57 20.48 15.56 66.64
N GLY A 58 21.33 15.79 67.64
CA GLY A 58 20.90 15.90 69.02
C GLY A 58 20.62 14.58 69.72
N ILE A 59 20.88 13.45 69.07
CA ILE A 59 20.81 12.13 69.68
C ILE A 59 22.21 11.54 69.68
N VAL A 60 22.51 10.75 70.72
CA VAL A 60 23.69 9.91 70.73
C VAL A 60 23.31 8.52 71.23
N VAL A 61 23.86 7.50 70.59
CA VAL A 61 23.56 6.10 70.90
C VAL A 61 24.74 5.52 71.66
N GLN A 62 24.48 5.04 72.87
CA GLN A 62 25.56 4.61 73.75
C GLN A 62 25.05 3.51 74.67
N ASN A 63 25.97 2.63 75.06
CA ASN A 63 25.63 1.48 75.89
C ASN A 63 25.23 1.97 77.29
N PRO A 64 24.02 1.66 77.77
CA PRO A 64 23.57 2.32 79.01
C PRO A 64 24.42 2.01 80.22
N ASP A 65 24.99 0.79 80.31
CA ASP A 65 25.86 0.47 81.43
C ASP A 65 27.31 0.84 81.15
N THR A 66 27.78 0.67 79.92
CA THR A 66 29.19 0.85 79.61
C THR A 66 29.53 2.27 79.18
N GLY A 67 28.55 3.04 78.70
CA GLY A 67 28.77 4.41 78.29
C GLY A 67 29.42 4.59 76.95
N GLN A 68 30.03 3.55 76.38
CA GLN A 68 30.70 3.69 75.10
C GLN A 68 29.69 3.91 73.97
N PRO A 69 29.96 4.83 73.04
CA PRO A 69 29.07 5.00 71.89
C PRO A 69 29.16 3.86 70.90
N MET A 70 28.08 3.67 70.14
CA MET A 70 28.05 2.66 69.09
C MET A 70 29.03 3.02 67.98
N GLY A 71 29.83 2.03 67.56
CA GLY A 71 30.88 2.28 66.59
C GLY A 71 30.39 2.34 65.15
N ASP A 72 31.21 3.01 64.33
CA ASP A 72 30.94 3.20 62.91
C ASP A 72 30.87 1.89 62.12
N GLU A 73 31.46 0.81 62.64
CA GLU A 73 31.34 -0.50 62.00
C GLU A 73 29.88 -0.88 61.76
N PHE A 74 29.04 -0.76 62.79
CA PHE A 74 27.63 -1.08 62.64
C PHE A 74 26.94 -0.16 61.63
N TYR A 75 27.28 1.14 61.66
CA TYR A 75 26.77 2.05 60.64
C TYR A 75 27.10 1.60 59.22
N ASN A 76 28.36 1.29 58.93
CA ASN A 76 28.72 0.85 57.58
C ASN A 76 28.08 -0.49 57.21
N HIS A 77 28.00 -1.42 58.16
CA HIS A 77 27.27 -2.67 57.96
C HIS A 77 25.82 -2.41 57.52
N ILE A 78 25.11 -1.64 58.32
CA ILE A 78 23.73 -1.28 58.03
C ILE A 78 23.62 -0.60 56.68
N LEU A 79 24.53 0.33 56.38
CA LEU A 79 24.49 1.01 55.08
C LEU A 79 24.66 0.05 53.91
N GLU A 80 25.59 -0.89 54.00
CA GLU A 80 25.76 -1.86 52.92
C GLU A 80 24.49 -2.70 52.71
N ARG A 81 23.83 -3.09 53.81
CA ARG A 81 22.59 -3.84 53.64
C ARG A 81 21.44 -2.95 53.15
N ALA A 82 21.42 -1.69 53.54
CA ALA A 82 20.44 -0.74 53.01
C ALA A 82 20.60 -0.55 51.50
N VAL A 83 21.84 -0.53 51.01
CA VAL A 83 22.09 -0.52 49.57
C VAL A 83 21.58 -1.80 48.91
N GLY A 84 21.84 -2.96 49.51
CA GLY A 84 21.29 -4.19 48.96
C GLY A 84 19.77 -4.20 48.88
N LYS A 85 19.12 -3.78 49.97
CA LYS A 85 17.67 -3.65 49.97
C LYS A 85 17.19 -2.67 48.91
N ALA A 86 17.88 -1.54 48.74
CA ALA A 86 17.48 -0.59 47.70
C ALA A 86 17.62 -1.17 46.30
N GLU A 87 18.70 -1.93 46.04
CA GLU A 87 18.88 -2.57 44.74
C GLU A 87 17.86 -3.65 44.40
N ARG A 88 17.35 -4.38 45.40
CA ARG A 88 16.14 -5.18 45.14
C ARG A 88 14.81 -4.42 45.18
N ALA A 89 14.68 -3.35 45.97
CA ALA A 89 13.41 -2.62 46.00
C ALA A 89 13.11 -1.97 44.66
N LEU A 90 14.13 -1.42 44.01
CA LEU A 90 14.04 -0.98 42.62
C LEU A 90 14.95 -1.91 41.81
N ASP A 91 14.46 -2.37 40.66
CA ASP A 91 15.17 -3.38 39.89
C ASP A 91 16.35 -2.76 39.13
N ILE A 92 17.38 -2.39 39.90
CA ILE A 92 18.43 -1.51 39.42
C ILE A 92 19.77 -2.02 39.93
N SER A 93 20.84 -1.51 39.30
CA SER A 93 22.22 -1.66 39.76
C SER A 93 22.75 -0.31 40.19
N ILE A 94 23.19 -0.20 41.43
CA ILE A 94 23.60 1.08 42.01
C ILE A 94 25.11 1.25 41.90
N LEU A 95 25.86 0.43 42.62
CA LEU A 95 27.32 0.55 42.57
C LEU A 95 27.86 -0.07 41.28
N PRO A 96 28.78 0.61 40.60
CA PRO A 96 29.36 0.04 39.37
C PRO A 96 29.90 -1.37 39.56
N ASP A 97 29.57 -2.24 38.61
CA ASP A 97 30.12 -3.58 38.56
C ASP A 97 30.16 -4.05 37.11
N THR A 98 31.11 -4.93 36.83
CA THR A 98 31.23 -5.53 35.50
C THR A 98 30.31 -6.75 35.40
N GLN A 99 29.40 -6.71 34.43
CA GLN A 99 28.44 -7.78 34.20
C GLN A 99 28.82 -8.54 32.93
N HIS A 100 28.84 -9.87 33.03
CA HIS A 100 29.04 -10.75 31.89
C HIS A 100 27.82 -11.65 31.74
N GLU A 101 27.12 -11.51 30.61
CA GLU A 101 25.89 -12.24 30.32
C GLU A 101 26.06 -13.10 29.08
N MET A 102 25.52 -14.32 29.13
CA MET A 102 25.28 -15.16 27.97
C MET A 102 23.78 -15.18 27.73
N ARG A 103 23.34 -14.66 26.58
CA ARG A 103 21.93 -14.41 26.32
C ARG A 103 21.39 -15.27 25.19
N ASP A 104 20.12 -15.67 25.33
CA ASP A 104 19.45 -16.52 24.37
C ASP A 104 19.13 -15.77 23.08
N TYR A 105 19.24 -16.49 21.96
CA TYR A 105 18.65 -16.04 20.71
C TYR A 105 17.14 -16.25 20.72
N HIS A 106 16.40 -15.19 20.42
CA HIS A 106 14.98 -15.26 20.09
C HIS A 106 14.73 -14.56 18.77
N GLU A 107 13.99 -15.22 17.88
CA GLU A 107 13.91 -14.76 16.49
C GLU A 107 13.25 -13.40 16.38
N THR A 108 12.16 -13.16 17.13
CA THR A 108 11.47 -11.88 17.05
C THR A 108 12.39 -10.72 17.43
N GLU A 109 13.10 -10.84 18.55
CA GLU A 109 13.93 -9.75 19.01
C GLU A 109 15.26 -9.69 18.26
N PHE A 110 15.77 -10.83 17.81
CA PHE A 110 16.96 -10.77 16.96
C PHE A 110 16.66 -10.08 15.64
N ASN A 111 15.47 -10.34 15.07
CA ASN A 111 15.01 -9.59 13.91
C ASN A 111 14.76 -8.12 14.22
N SER A 112 14.45 -7.79 15.48
CA SER A 112 14.16 -6.40 15.84
C SER A 112 15.44 -5.61 16.15
N TYR A 113 16.33 -5.57 15.16
CA TYR A 113 17.65 -4.93 15.30
C TYR A 113 18.50 -5.55 16.39
N MET A 114 18.42 -6.87 16.55
CA MET A 114 19.21 -7.59 17.55
C MET A 114 18.94 -7.04 18.96
N PHE A 115 17.68 -6.81 19.27
CA PHE A 115 17.29 -6.23 20.55
C PHE A 115 17.64 -7.18 21.69
N VAL A 116 18.34 -6.67 22.71
CA VAL A 116 18.52 -7.39 23.96
C VAL A 116 18.30 -6.42 25.12
N HIS A 117 17.58 -6.87 26.14
CA HIS A 117 17.44 -6.14 27.41
C HIS A 117 18.43 -6.74 28.42
N ALA A 118 19.31 -5.88 28.94
CA ALA A 118 20.24 -6.30 29.97
C ALA A 118 19.52 -6.66 31.27
N TYR A 119 20.10 -7.60 32.02
CA TYR A 119 19.55 -7.95 33.33
C TYR A 119 19.74 -6.84 34.34
N ARG A 120 20.76 -6.00 34.17
CA ARG A 120 21.12 -4.98 35.13
C ARG A 120 21.12 -3.62 34.44
N LYS A 121 20.60 -2.60 35.13
CA LYS A 121 20.50 -1.27 34.57
C LYS A 121 20.73 -0.26 35.68
N PRO A 122 21.16 0.97 35.35
CA PRO A 122 21.57 1.49 34.03
C PRO A 122 22.81 0.81 33.45
N ILE A 123 22.99 0.90 32.14
CA ILE A 123 24.27 0.61 31.50
C ILE A 123 25.15 1.84 31.64
N LEU A 124 26.33 1.68 32.26
CA LEU A 124 27.36 2.70 32.14
C LEU A 124 28.03 2.65 30.77
N GLN A 125 28.44 1.46 30.35
CA GLN A 125 28.92 1.28 28.99
C GLN A 125 28.89 -0.20 28.63
N VAL A 126 28.84 -0.49 27.33
CA VAL A 126 29.02 -1.85 26.81
C VAL A 126 30.50 -2.11 26.57
N GLU A 127 30.98 -3.27 27.02
CA GLU A 127 32.38 -3.64 26.89
C GLU A 127 32.64 -4.62 25.74
N ASN A 128 31.72 -5.54 25.47
CA ASN A 128 31.90 -6.50 24.39
C ASN A 128 30.53 -7.03 23.94
N LEU A 129 30.45 -7.40 22.67
CA LEU A 129 29.21 -7.96 22.11
C LEU A 129 29.57 -8.85 20.94
N GLN A 130 29.26 -10.14 21.06
CA GLN A 130 29.66 -11.15 20.10
C GLN A 130 28.58 -12.21 19.94
N LEU A 131 28.52 -12.77 18.74
CA LEU A 131 27.73 -13.97 18.44
C LEU A 131 28.72 -15.12 18.36
N GLN A 132 28.44 -16.20 19.09
CA GLN A 132 29.45 -17.23 19.32
C GLN A 132 28.83 -18.62 19.29
N PHE A 133 29.73 -19.61 19.17
CA PHE A 133 29.35 -21.02 19.09
C PHE A 133 30.41 -21.85 19.82
N ASN A 134 30.05 -22.39 20.99
CA ASN A 134 30.98 -23.10 21.86
C ASN A 134 32.19 -22.24 22.28
N GLY A 135 31.93 -20.95 22.50
CA GLY A 135 32.96 -19.99 22.80
C GLY A 135 33.72 -19.44 21.61
N ARG A 136 33.58 -20.04 20.44
CA ARG A 136 34.20 -19.50 19.24
C ARG A 136 33.39 -18.29 18.78
N PRO A 137 34.00 -17.11 18.64
CA PRO A 137 33.25 -16.01 17.98
C PRO A 137 32.92 -16.36 16.54
N ILE A 138 31.61 -16.41 16.26
CA ILE A 138 31.12 -16.51 14.89
C ILE A 138 31.15 -15.15 14.21
N TYR A 139 30.74 -14.10 14.92
CA TYR A 139 30.92 -12.73 14.43
C TYR A 139 31.11 -11.79 15.61
N LYS A 140 31.99 -10.82 15.43
CA LYS A 140 32.18 -9.72 16.37
C LYS A 140 31.66 -8.45 15.69
N TYR A 141 30.64 -7.86 16.28
CA TYR A 141 29.99 -6.70 15.68
C TYR A 141 30.85 -5.45 15.86
N PRO A 142 31.08 -4.68 14.78
CA PRO A 142 31.82 -3.42 14.93
C PRO A 142 31.20 -2.50 15.97
N ALA A 143 32.05 -1.89 16.78
CA ALA A 143 31.60 -1.02 17.86
C ALA A 143 30.83 0.20 17.36
N ASN A 144 31.02 0.60 16.10
CA ASN A 144 30.22 1.68 15.51
C ASN A 144 28.79 1.26 15.22
N TRP A 145 28.46 -0.04 15.31
CA TRP A 145 27.09 -0.50 15.17
C TRP A 145 26.32 -0.48 16.50
N TRP A 146 27.02 -0.50 17.63
CA TRP A 146 26.36 -0.67 18.92
C TRP A 146 25.54 0.56 19.29
N LYS A 147 24.25 0.35 19.56
CA LYS A 147 23.35 1.38 20.05
C LYS A 147 22.96 1.03 21.49
N VAL A 148 23.28 1.93 22.42
CA VAL A 148 23.03 1.72 23.85
C VAL A 148 22.05 2.77 24.33
N GLU A 149 21.05 2.34 25.10
CA GLU A 149 20.20 3.25 25.88
C GLU A 149 20.42 2.95 27.36
N HIS A 150 21.04 3.92 28.04
CA HIS A 150 21.69 3.63 29.31
C HIS A 150 20.68 3.36 30.43
N LEU A 151 19.73 4.27 30.61
CA LEU A 151 18.74 4.10 31.67
C LEU A 151 17.74 3.00 31.38
N ALA A 152 17.43 2.76 30.11
CA ALA A 152 16.52 1.66 29.78
C ALA A 152 17.16 0.30 29.99
N GLY A 153 18.47 0.19 29.77
CA GLY A 153 19.11 -1.11 29.74
C GLY A 153 18.96 -1.84 28.43
N HIS A 154 18.87 -1.12 27.33
CA HIS A 154 18.64 -1.68 26.00
C HIS A 154 19.92 -1.56 25.17
N VAL A 155 20.23 -2.60 24.42
CA VAL A 155 21.30 -2.58 23.43
C VAL A 155 20.75 -3.07 22.11
N GLN A 156 21.15 -2.42 21.01
CA GLN A 156 20.74 -2.81 19.67
C GLN A 156 21.89 -2.63 18.71
N LEU A 157 21.79 -3.28 17.56
CA LEU A 157 22.68 -3.08 16.43
C LEU A 157 21.94 -2.39 15.29
N PHE A 158 22.58 -1.40 14.68
CA PHE A 158 22.14 -0.81 13.42
C PHE A 158 23.25 -0.98 12.38
N PRO A 159 23.26 -2.06 11.61
CA PRO A 159 24.42 -2.36 10.77
C PRO A 159 24.69 -1.26 9.74
N THR A 160 25.94 -0.81 9.71
CA THR A 160 26.36 0.18 8.71
C THR A 160 26.52 -0.44 7.33
N ALA A 161 27.02 -1.67 7.26
CA ALA A 161 27.40 -2.29 6.00
C ALA A 161 28.28 -1.36 5.17
N GLY A 189 15.82 -22.93 11.97
CA GLY A 189 14.83 -24.00 12.04
C GLY A 189 14.07 -24.05 13.34
N ALA A 190 14.44 -23.17 14.29
CA ALA A 190 13.72 -23.04 15.54
C ALA A 190 13.68 -21.56 15.91
N THR A 191 12.67 -21.20 16.71
CA THR A 191 12.49 -19.82 17.11
C THR A 191 13.43 -19.37 18.22
N PHE A 192 14.13 -20.30 18.88
CA PHE A 192 15.07 -19.92 19.92
C PHE A 192 16.23 -20.92 19.94
N ALA A 193 17.35 -20.48 20.52
CA ALA A 193 18.49 -21.34 20.78
C ALA A 193 19.29 -20.77 21.95
N PRO A 194 19.86 -21.62 22.81
CA PRO A 194 20.45 -21.11 24.06
C PRO A 194 21.80 -20.42 23.90
N GLN A 195 21.96 -19.32 24.64
CA GLN A 195 23.25 -18.70 24.95
C GLN A 195 24.10 -18.39 23.71
N MET A 196 23.44 -17.96 22.63
CA MET A 196 24.19 -17.61 21.42
C MET A 196 24.94 -16.30 21.58
N ILE A 197 24.37 -15.34 22.32
CA ILE A 197 24.89 -13.97 22.39
C ILE A 197 25.68 -13.81 23.68
N ARG A 198 26.91 -13.31 23.55
CA ARG A 198 27.80 -12.96 24.64
C ARG A 198 27.85 -11.44 24.78
N LEU A 199 27.47 -10.93 25.95
CA LEU A 199 27.42 -9.50 26.21
C LEU A 199 28.18 -9.18 27.49
N GLU A 200 29.20 -8.33 27.38
CA GLU A 200 29.94 -7.80 28.53
C GLU A 200 29.73 -6.30 28.63
N TYR A 201 29.40 -5.81 29.82
CA TYR A 201 29.12 -4.40 30.02
C TYR A 201 29.38 -4.05 31.47
N VAL A 202 29.43 -2.76 31.76
CA VAL A 202 29.39 -2.24 33.13
C VAL A 202 27.99 -1.71 33.42
N SER A 203 27.38 -2.22 34.49
CA SER A 203 26.16 -1.66 35.05
C SER A 203 26.50 -0.79 36.26
N GLY A 204 25.63 0.17 36.55
CA GLY A 204 25.77 0.99 37.74
C GLY A 204 25.36 2.43 37.56
N MET A 205 25.56 3.24 38.61
CA MET A 205 25.40 4.69 38.54
C MET A 205 26.67 5.38 39.02
N LEU A 206 26.98 6.55 38.43
CA LEU A 206 28.02 7.44 38.89
C LEU A 206 27.46 8.48 39.86
N PRO A 207 28.25 8.96 40.83
CA PRO A 207 27.79 10.09 41.64
C PRO A 207 27.59 11.35 40.79
N ARG A 208 26.49 12.05 41.06
CA ARG A 208 26.11 13.19 40.25
C ARG A 208 27.14 14.31 40.35
N LYS A 209 27.34 15.01 39.23
CA LYS A 209 28.38 16.01 39.07
C LYS A 209 27.91 17.42 39.42
N LYS A 210 26.60 17.67 39.41
CA LYS A 210 26.03 18.97 39.73
C LYS A 210 25.03 18.81 40.88
N ALA A 211 24.84 19.88 41.63
CA ALA A 211 23.79 19.92 42.63
C ALA A 211 22.42 19.85 41.99
N GLY A 212 21.53 19.06 42.60
CA GLY A 212 20.13 19.00 42.26
C GLY A 212 19.82 18.29 40.96
N ARG A 213 20.83 17.90 40.19
CA ARG A 213 20.65 17.40 38.83
C ARG A 213 21.36 16.06 38.70
N ASN A 214 20.82 15.19 37.84
CA ASN A 214 21.51 13.97 37.48
C ASN A 214 21.26 13.65 36.01
N LYS A 215 22.30 13.16 35.34
CA LYS A 215 22.15 12.52 34.04
C LYS A 215 21.55 11.13 34.21
N PRO A 216 21.07 10.52 33.13
CA PRO A 216 20.43 9.21 33.24
C PRO A 216 21.33 8.11 33.81
N TRP A 217 22.65 8.27 33.70
CA TRP A 217 23.61 7.36 34.31
C TRP A 217 24.09 7.81 35.68
N GLU A 218 23.56 8.90 36.22
CA GLU A 218 23.93 9.41 37.52
C GLU A 218 22.82 9.17 38.52
N MET A 219 23.21 8.98 39.78
CA MET A 219 22.25 8.64 40.83
C MET A 219 21.30 9.80 41.11
N PRO A 220 19.99 9.57 41.15
CA PRO A 220 19.07 10.63 41.57
C PRO A 220 19.34 11.08 42.99
N PRO A 221 19.28 12.39 43.27
CA PRO A 221 19.62 12.88 44.61
C PRO A 221 18.90 12.23 45.78
N GLU A 222 17.67 11.75 45.61
CA GLU A 222 16.91 11.19 46.73
C GLU A 222 16.92 9.67 46.81
N LEU A 223 17.50 8.96 45.83
CA LEU A 223 17.83 7.56 46.08
C LEU A 223 18.91 7.44 47.15
N GLU A 224 19.80 8.44 47.20
CA GLU A 224 20.73 8.57 48.32
C GLU A 224 19.97 8.68 49.63
N GLN A 225 18.95 9.54 49.65
CA GLN A 225 18.16 9.71 50.87
C GLN A 225 17.34 8.47 51.19
N LEU A 226 16.91 7.72 50.19
CA LEU A 226 16.23 6.46 50.44
C LEU A 226 17.14 5.46 51.17
N VAL A 227 18.37 5.30 50.68
CA VAL A 227 19.33 4.44 51.38
C VAL A 227 19.63 4.94 52.79
N ILE A 228 19.73 6.26 52.94
CA ILE A 228 19.85 6.86 54.28
C ILE A 228 18.68 6.46 55.17
N LYS A 229 17.45 6.70 54.70
CA LYS A 229 16.25 6.35 55.46
C LYS A 229 16.22 4.87 55.84
N TYR A 230 16.60 3.97 54.94
CA TYR A 230 16.68 2.56 55.30
C TYR A 230 17.69 2.31 56.43
N ALA A 231 18.87 2.91 56.36
CA ALA A 231 19.81 2.80 57.48
C ALA A 231 19.21 3.34 58.77
N LEU A 232 18.73 4.58 58.72
CA LEU A 232 18.10 5.27 59.83
C LEU A 232 17.00 4.45 60.50
N LYS A 233 16.21 3.72 59.72
CA LYS A 233 15.17 2.89 60.31
C LYS A 233 15.71 1.77 61.18
N GLU A 234 16.86 1.18 60.85
CA GLU A 234 17.49 0.20 61.74
C GLU A 234 18.15 0.86 62.94
N ILE A 235 18.82 1.99 62.73
CA ILE A 235 19.49 2.66 63.85
C ILE A 235 18.47 3.16 64.87
N TYR A 236 17.32 3.65 64.43
CA TYR A 236 16.25 3.97 65.37
C TYR A 236 15.73 2.75 66.13
N GLN A 237 15.71 1.57 65.51
CA GLN A 237 15.33 0.36 66.25
C GLN A 237 16.35 0.03 67.34
N VAL A 238 17.63 0.26 67.06
CA VAL A 238 18.65 0.06 68.09
C VAL A 238 18.49 1.08 69.21
N TRP A 239 18.48 2.37 68.86
CA TRP A 239 18.37 3.44 69.86
C TRP A 239 17.10 3.34 70.71
N GLY A 240 15.98 2.92 70.12
CA GLY A 240 14.72 2.79 70.84
C GLY A 240 14.70 1.76 71.97
N ASN A 241 15.70 0.88 72.04
CA ASN A 241 15.84 0.03 73.21
C ASN A 241 16.49 0.70 74.41
N LEU A 242 17.28 1.75 74.20
CA LEU A 242 18.22 2.22 75.22
C LEU A 242 17.79 3.50 75.93
N ILE A 243 16.71 4.15 75.50
CA ILE A 243 16.28 5.38 76.14
C ILE A 243 15.95 5.17 77.61
N ILE A 244 15.47 3.97 77.98
CA ILE A 244 15.15 3.63 79.36
C ILE A 244 15.69 2.24 79.64
N GLY A 245 15.75 1.87 80.92
CA GLY A 245 16.00 0.50 81.29
C GLY A 245 15.05 -0.50 80.64
N ALA A 246 15.53 -1.72 80.50
CA ALA A 246 14.80 -2.77 79.79
C ALA A 246 13.41 -2.99 80.38
N GLY A 247 12.40 -2.93 79.51
CA GLY A 247 11.02 -3.21 79.89
C GLY A 247 10.32 -2.17 80.74
N ILE A 248 10.95 -1.03 81.02
CA ILE A 248 10.27 0.00 81.81
C ILE A 248 9.37 0.83 80.90
N ALA A 249 8.10 0.97 81.32
CA ALA A 249 7.12 1.78 80.60
C ALA A 249 6.52 2.88 81.46
N ASN A 250 6.63 2.78 82.78
CA ASN A 250 6.40 3.88 83.70
C ASN A 250 7.32 3.67 84.89
N LYS A 251 7.71 4.77 85.53
CA LYS A 251 8.38 4.66 86.82
C LYS A 251 7.97 5.81 87.73
N THR A 252 7.96 5.53 89.02
CA THR A 252 7.89 6.55 90.07
C THR A 252 8.91 6.16 91.14
N LEU A 253 9.62 7.14 91.66
CA LEU A 253 10.42 6.95 92.86
C LEU A 253 10.14 8.09 93.83
N GLU A 254 9.89 7.75 95.09
CA GLU A 254 9.72 8.72 96.15
C GLU A 254 10.65 8.36 97.30
N VAL A 255 11.46 9.31 97.73
CA VAL A 255 12.39 9.11 98.84
C VAL A 255 12.45 10.41 99.65
N ASP A 256 12.18 10.31 100.94
CA ASP A 256 12.41 11.39 101.91
C ASP A 256 11.87 12.72 101.42
N GLY A 257 10.62 12.70 100.94
CA GLY A 257 9.95 13.90 100.47
C GLY A 257 10.36 14.39 99.10
N ILE A 258 11.23 13.68 98.39
CA ILE A 258 11.51 13.96 96.98
C ILE A 258 10.79 12.90 96.16
N THR A 259 10.06 13.35 95.13
CA THR A 259 9.35 12.46 94.23
C THR A 259 9.74 12.74 92.80
N GLU A 260 9.97 11.67 92.03
CA GLU A 260 10.16 11.73 90.59
C GLU A 260 9.22 10.75 89.93
N THR A 261 8.70 11.11 88.75
CA THR A 261 7.76 10.26 88.03
C THR A 261 7.89 10.55 86.54
N ILE A 262 8.07 9.48 85.76
CA ILE A 262 8.32 9.58 84.33
C ILE A 262 7.34 8.68 83.60
N GLY A 263 6.65 9.23 82.61
CA GLY A 263 6.02 8.45 81.56
C GLY A 263 6.85 8.49 80.30
N THR A 264 6.80 7.41 79.51
CA THR A 264 7.73 7.24 78.41
C THR A 264 7.00 6.80 77.14
N THR A 265 7.69 6.98 76.02
CA THR A 265 7.25 6.54 74.70
C THR A 265 7.24 5.03 74.51
N GLN A 266 7.86 4.26 75.41
CA GLN A 266 7.63 2.83 75.43
C GLN A 266 6.24 2.48 75.95
N SER A 267 5.73 1.34 75.51
CA SER A 267 4.49 0.76 76.03
C SER A 267 4.49 -0.73 75.69
N ALA A 268 3.53 -1.44 76.26
CA ALA A 268 3.35 -2.85 75.93
C ALA A 268 2.99 -3.08 74.46
N MET A 269 2.49 -2.08 73.76
CA MET A 269 2.32 -2.15 72.30
C MET A 269 3.50 -1.56 71.54
N TYR A 270 3.75 -0.27 71.71
CA TYR A 270 4.66 0.50 70.89
C TYR A 270 6.04 0.64 71.52
N GLY A 271 7.07 0.36 70.72
CA GLY A 271 8.44 0.59 71.12
C GLY A 271 8.80 2.06 71.11
N GLY A 272 9.93 2.37 71.76
CA GLY A 272 10.30 3.75 72.04
C GLY A 272 10.52 4.62 70.81
N ALA A 273 10.79 4.01 69.65
CA ALA A 273 10.98 4.76 68.41
C ALA A 273 9.94 4.46 67.34
N SER A 274 8.80 3.88 67.75
CA SER A 274 7.67 3.63 66.85
C SER A 274 7.35 4.82 65.94
N ALA A 275 7.20 6.01 66.54
CA ALA A 275 6.82 7.21 65.80
C ALA A 275 7.79 7.53 64.67
N GLN A 276 9.08 7.62 64.99
CA GLN A 276 10.08 7.91 63.96
C GLN A 276 10.08 6.86 62.85
N ILE A 277 9.98 5.59 63.22
CA ILE A 277 9.94 4.52 62.21
C ILE A 277 8.72 4.68 61.30
N LEU A 278 7.55 4.94 61.88
CA LEU A 278 6.36 5.25 61.08
C LEU A 278 6.56 6.42 60.11
N GLN A 279 7.14 7.52 60.58
CA GLN A 279 7.42 8.64 59.70
C GLN A 279 8.38 8.26 58.58
N ILE A 280 9.48 7.59 58.93
CA ILE A 280 10.44 7.11 57.94
C ILE A 280 9.77 6.21 56.91
N ASN A 281 8.87 5.32 57.35
CA ASN A 281 8.09 4.51 56.43
C ASN A 281 7.23 5.36 55.48
N GLU A 282 6.62 6.42 55.98
CA GLU A 282 5.92 7.36 55.08
C GLU A 282 6.87 7.94 54.03
N ASP A 283 8.00 8.49 54.48
CA ASP A 283 8.98 9.05 53.55
C ASP A 283 9.44 8.01 52.51
N ILE A 284 9.73 6.80 52.96
CA ILE A 284 10.07 5.70 52.05
C ILE A 284 8.98 5.48 51.02
N LYS A 285 7.72 5.44 51.46
CA LYS A 285 6.61 5.25 50.53
C LYS A 285 6.59 6.32 49.43
N GLU A 286 6.69 7.59 49.83
CA GLU A 286 6.75 8.67 48.83
C GLU A 286 7.96 8.54 47.91
N LEU A 287 9.14 8.28 48.47
CA LEU A 287 10.35 8.13 47.67
C LEU A 287 10.23 6.98 46.67
N LEU A 288 9.73 5.83 47.13
CA LEU A 288 9.60 4.68 46.25
C LEU A 288 8.56 4.92 45.16
N ASP A 289 7.46 5.61 45.48
CA ASP A 289 6.52 6.02 44.45
C ASP A 289 7.20 6.83 43.35
N GLY A 290 7.93 7.87 43.76
CA GLY A 290 8.64 8.69 42.77
C GLY A 290 9.67 7.91 41.96
N LEU A 291 10.47 7.08 42.62
CA LEU A 291 11.51 6.35 41.92
C LEU A 291 10.96 5.22 41.04
N ARG A 292 9.86 4.58 41.45
CA ARG A 292 9.14 3.65 40.59
C ARG A 292 8.35 4.35 39.49
N ALA A 293 8.28 5.67 39.50
CA ALA A 293 7.85 6.40 38.32
C ALA A 293 9.02 6.72 37.39
N TYR A 294 10.22 6.90 37.97
CA TYR A 294 11.40 7.21 37.17
C TYR A 294 11.89 5.99 36.39
N PHE A 295 12.13 4.88 37.07
CA PHE A 295 12.23 3.57 36.42
C PHE A 295 10.85 3.04 36.05
N GLY A 296 10.79 2.35 34.89
CA GLY A 296 9.52 1.92 34.32
C GLY A 296 8.99 0.60 34.87
N TYR A 297 7.83 0.22 34.33
CA TYR A 297 7.29 -1.12 34.51
C TYR A 297 8.05 -2.15 33.69
N ASN A 298 8.30 -3.31 34.29
CA ASN A 298 8.93 -4.41 33.59
C ASN A 298 7.93 -5.08 32.64
N MET A 299 8.44 -5.56 31.50
CA MET A 299 7.62 -6.21 30.49
C MET A 299 8.46 -7.21 29.72
N ILE A 300 7.81 -8.26 29.22
CA ILE A 300 8.43 -9.19 28.28
C ILE A 300 7.37 -9.74 27.35
N GLY A 301 7.77 -10.02 26.12
CA GLY A 301 6.92 -10.65 25.13
C GLY A 301 7.13 -12.16 25.07
N LEU A 302 6.03 -12.90 25.14
CA LEU A 302 6.07 -14.36 25.09
C LEU A 302 5.48 -14.88 23.79
N SER B 49 -10.20 30.53 -34.45
CA SER B 49 -11.50 29.89 -34.09
C SER B 49 -11.35 28.39 -33.96
N LEU B 50 -12.18 27.78 -33.10
CA LEU B 50 -12.07 26.34 -32.86
C LEU B 50 -12.60 25.55 -34.06
N TYR B 51 -13.82 25.84 -34.49
CA TYR B 51 -14.48 25.19 -35.62
C TYR B 51 -14.41 26.03 -36.89
N GLY B 52 -14.70 27.31 -36.80
CA GLY B 52 -14.82 28.13 -37.99
C GLY B 52 -15.42 29.47 -37.65
N GLN B 53 -15.51 30.32 -38.67
CA GLN B 53 -16.02 31.68 -38.48
C GLN B 53 -17.49 31.62 -38.06
N GLN B 54 -17.78 32.20 -36.91
CA GLN B 54 -19.14 32.19 -36.37
C GLN B 54 -19.33 33.47 -35.56
N GLN B 55 -20.58 33.94 -35.48
CA GLN B 55 -20.83 35.16 -34.73
C GLN B 55 -21.10 34.90 -33.26
N ALA B 56 -21.45 33.67 -32.88
CA ALA B 56 -21.44 33.27 -31.48
C ALA B 56 -20.01 33.00 -31.06
N TYR B 57 -19.62 33.53 -29.90
CA TYR B 57 -18.31 33.18 -29.36
C TYR B 57 -18.31 31.75 -28.85
N ALA B 58 -17.25 31.02 -29.17
CA ALA B 58 -17.07 29.63 -28.80
C ALA B 58 -15.92 29.45 -27.81
N GLU B 59 -15.29 30.53 -27.39
CA GLU B 59 -14.17 30.51 -26.46
C GLU B 59 -14.38 31.65 -25.47
N PRO B 60 -13.70 31.62 -24.34
CA PRO B 60 -13.78 32.77 -23.42
C PRO B 60 -13.42 34.08 -24.11
N PHE B 61 -14.32 35.05 -24.03
CA PHE B 61 -14.18 36.28 -24.80
C PHE B 61 -12.97 37.09 -24.35
N ILE B 62 -12.82 37.28 -23.04
CA ILE B 62 -11.58 37.81 -22.50
C ILE B 62 -10.56 36.68 -22.39
N GLU B 63 -9.34 36.95 -22.88
CA GLU B 63 -8.25 35.99 -22.81
C GLU B 63 -7.92 35.68 -21.36
N MET B 64 -8.18 34.45 -20.92
CA MET B 64 -7.74 34.03 -19.61
C MET B 64 -6.23 33.83 -19.59
N MET B 65 -5.63 34.03 -18.42
CA MET B 65 -4.17 34.00 -18.28
C MET B 65 -3.70 32.56 -18.39
N ASP B 66 -3.55 32.11 -19.63
CA ASP B 66 -2.83 30.87 -19.90
C ASP B 66 -1.36 31.03 -19.53
N THR B 67 -0.76 29.93 -19.06
CA THR B 67 0.64 29.97 -18.65
C THR B 67 1.55 30.38 -19.80
N ASN B 68 1.19 30.02 -21.03
CA ASN B 68 2.01 30.33 -22.19
C ASN B 68 1.15 30.97 -23.28
N PRO B 69 1.65 32.03 -23.93
CA PRO B 69 0.88 32.61 -25.04
C PRO B 69 0.65 31.65 -26.21
N GLU B 70 1.46 30.60 -26.34
CA GLU B 70 1.48 29.80 -27.55
C GLU B 70 0.52 28.62 -27.55
N PHE B 71 -0.01 28.19 -26.40
CA PHE B 71 -0.95 27.07 -26.41
C PHE B 71 -1.95 27.22 -25.28
N ARG B 72 -3.11 26.58 -25.49
CA ARG B 72 -4.22 26.58 -24.54
C ARG B 72 -3.99 25.55 -23.44
N ASP B 73 -4.01 26.01 -22.18
CA ASP B 73 -3.82 25.12 -21.05
C ASP B 73 -5.02 24.19 -20.86
N LYS B 74 -4.73 22.98 -20.38
CA LYS B 74 -5.75 21.98 -20.06
C LYS B 74 -6.25 22.18 -18.64
N ARG B 75 -7.08 23.20 -18.46
CA ARG B 75 -7.62 23.51 -17.14
C ARG B 75 -8.59 22.43 -16.66
N SER B 76 -8.49 22.10 -15.37
CA SER B 76 -9.50 21.30 -14.69
C SER B 76 -10.87 21.96 -14.71
N TYR B 77 -11.90 21.12 -14.64
CA TYR B 77 -13.30 21.54 -14.71
C TYR B 77 -13.60 22.78 -13.87
N MET B 78 -13.15 22.79 -12.61
CA MET B 78 -13.34 23.91 -11.70
C MET B 78 -12.25 24.96 -11.80
N LYS B 79 -11.27 24.79 -12.70
CA LYS B 79 -10.08 25.62 -12.78
C LYS B 79 -9.26 25.59 -11.49
N ASN B 80 -9.51 24.61 -10.62
CA ASN B 80 -8.69 24.42 -9.43
C ASN B 80 -7.28 23.97 -9.79
N GLU B 81 -7.10 23.46 -11.01
CA GLU B 81 -5.85 22.87 -11.47
C GLU B 81 -5.67 23.21 -12.94
N HIS B 82 -4.41 23.42 -13.33
CA HIS B 82 -4.05 23.80 -14.70
C HIS B 82 -3.24 22.73 -15.43
N ASN B 83 -2.83 21.67 -14.74
CA ASN B 83 -1.93 20.65 -15.24
C ASN B 83 -2.59 19.28 -15.10
N LEU B 84 -3.85 19.23 -15.52
CA LEU B 84 -4.75 18.13 -15.22
C LEU B 84 -4.16 16.78 -15.63
N HIS B 85 -3.53 16.72 -16.81
CA HIS B 85 -3.03 15.44 -17.31
C HIS B 85 -1.88 14.90 -16.48
N ASP B 86 -1.07 15.77 -15.84
CA ASP B 86 -0.10 15.26 -14.88
C ASP B 86 -0.74 14.77 -13.59
N VAL B 87 -1.94 15.24 -13.26
CA VAL B 87 -2.73 14.63 -12.19
C VAL B 87 -3.21 13.25 -12.59
N LEU B 88 -3.88 13.16 -13.74
CA LEU B 88 -4.44 11.89 -14.22
C LEU B 88 -3.36 10.84 -14.46
N LYS B 89 -2.19 11.25 -14.93
CA LYS B 89 -1.07 10.33 -15.13
C LYS B 89 -0.75 9.51 -13.90
N LYS B 90 -0.97 10.06 -12.70
CA LYS B 90 -0.71 9.32 -11.46
C LYS B 90 -1.66 8.14 -11.25
N PHE B 91 -2.83 8.11 -11.89
CA PHE B 91 -3.75 7.00 -11.75
C PHE B 91 -3.60 5.90 -12.81
N GLY B 92 -2.77 6.12 -13.82
CA GLY B 92 -2.67 5.17 -14.92
C GLY B 92 -2.19 3.79 -14.50
N ASN B 93 -1.63 3.65 -13.30
CA ASN B 93 -1.28 2.37 -12.71
C ASN B 93 -2.31 1.84 -11.71
N ASN B 94 -3.46 2.49 -11.58
CA ASN B 94 -4.48 2.01 -10.66
C ASN B 94 -4.96 0.62 -11.10
N PRO B 95 -5.02 -0.36 -10.19
CA PRO B 95 -5.47 -1.72 -10.60
C PRO B 95 -6.89 -1.83 -11.12
N ILE B 96 -7.86 -1.12 -10.54
CA ILE B 96 -9.22 -1.15 -11.07
C ILE B 96 -9.28 -0.52 -12.46
N LEU B 97 -8.70 0.68 -12.60
CA LEU B 97 -8.68 1.34 -13.90
C LEU B 97 -7.96 0.50 -14.94
N ASN B 98 -6.88 -0.17 -14.56
CA ASN B 98 -6.20 -1.07 -15.48
C ASN B 98 -6.99 -2.34 -15.76
N ALA B 99 -7.74 -2.86 -14.79
CA ALA B 99 -8.62 -3.99 -15.09
C ALA B 99 -9.66 -3.63 -16.15
N ILE B 100 -10.18 -2.41 -16.09
CA ILE B 100 -11.12 -1.92 -17.12
C ILE B 100 -10.41 -1.75 -18.46
N ILE B 101 -9.28 -1.05 -18.47
CA ILE B 101 -8.56 -0.79 -19.70
C ILE B 101 -8.11 -2.10 -20.36
N LEU B 102 -7.61 -3.06 -19.58
CA LEU B 102 -7.17 -4.32 -20.15
C LEU B 102 -8.34 -5.18 -20.66
N THR B 103 -9.45 -5.26 -19.93
CA THR B 103 -10.56 -6.06 -20.44
C THR B 103 -11.13 -5.45 -21.72
N ARG B 104 -11.29 -4.13 -21.77
CA ARG B 104 -11.78 -3.51 -23.00
C ARG B 104 -10.80 -3.67 -24.16
N SER B 105 -9.52 -3.41 -23.94
CA SER B 105 -8.56 -3.49 -25.04
C SER B 105 -8.33 -4.92 -25.52
N ASN B 106 -8.47 -5.92 -24.64
CA ASN B 106 -8.50 -7.30 -25.08
C ASN B 106 -9.73 -7.61 -25.92
N GLN B 107 -10.90 -7.08 -25.56
CA GLN B 107 -12.08 -7.26 -26.40
C GLN B 107 -11.90 -6.62 -27.78
N VAL B 108 -11.38 -5.39 -27.81
CA VAL B 108 -11.13 -4.68 -29.07
C VAL B 108 -10.10 -5.39 -29.95
N ALA B 109 -9.04 -5.94 -29.37
CA ALA B 109 -7.97 -6.55 -30.18
C ALA B 109 -8.44 -7.68 -31.09
N MET B 110 -9.53 -8.38 -30.76
CA MET B 110 -10.00 -9.45 -31.64
C MET B 110 -10.48 -8.95 -33.01
N TYR B 111 -11.04 -7.74 -33.09
CA TYR B 111 -11.48 -7.16 -34.36
C TYR B 111 -10.32 -6.77 -35.29
N CYS B 112 -9.16 -6.43 -34.75
CA CYS B 112 -8.12 -5.75 -35.51
C CYS B 112 -7.71 -6.44 -36.82
N GLN B 113 -7.73 -7.77 -36.87
CA GLN B 113 -7.43 -8.42 -38.15
C GLN B 113 -8.54 -8.23 -39.18
N PRO B 114 -8.20 -8.26 -40.48
CA PRO B 114 -9.23 -8.25 -41.53
C PRO B 114 -10.17 -9.46 -41.51
N ALA B 115 -11.46 -9.17 -41.66
CA ALA B 115 -12.46 -10.22 -41.83
C ALA B 115 -12.26 -11.00 -43.12
N ARG B 116 -11.84 -10.32 -44.19
CA ARG B 116 -11.57 -10.97 -45.49
C ARG B 116 -10.80 -12.28 -45.38
N TYR B 117 -9.75 -12.30 -44.56
CA TYR B 117 -8.88 -13.46 -44.42
C TYR B 117 -9.28 -14.35 -43.24
N SER B 118 -10.28 -13.94 -42.47
CA SER B 118 -10.66 -14.60 -41.22
C SER B 118 -11.95 -15.35 -41.52
N GLU B 119 -11.85 -16.68 -41.53
CA GLU B 119 -12.93 -17.52 -42.05
C GLU B 119 -14.21 -17.39 -41.23
N LYS B 120 -14.09 -17.08 -39.95
CA LYS B 120 -15.29 -16.79 -39.16
C LYS B 120 -15.90 -15.44 -39.49
N GLY B 121 -15.28 -14.64 -40.37
CA GLY B 121 -15.79 -13.34 -40.74
C GLY B 121 -15.60 -12.23 -39.72
N LEU B 122 -15.02 -12.53 -38.56
CA LEU B 122 -14.83 -11.53 -37.52
C LEU B 122 -13.59 -10.68 -37.80
N GLY B 123 -13.73 -9.38 -37.70
CA GLY B 123 -12.63 -8.47 -37.94
C GLY B 123 -13.10 -7.10 -38.40
N PHE B 124 -12.32 -6.49 -39.28
CA PHE B 124 -12.69 -5.29 -40.02
C PHE B 124 -12.67 -5.55 -41.52
N GLU B 125 -13.37 -4.68 -42.26
CA GLU B 125 -13.31 -4.66 -43.71
C GLU B 125 -13.32 -3.21 -44.19
N VAL B 126 -12.68 -2.99 -45.34
CA VAL B 126 -12.86 -1.78 -46.15
C VAL B 126 -13.83 -2.07 -47.28
N ARG B 127 -14.83 -1.21 -47.41
CA ARG B 127 -16.04 -1.47 -48.19
C ARG B 127 -16.37 -0.20 -48.97
N LEU B 128 -17.09 -0.38 -50.07
CA LEU B 128 -17.80 0.76 -50.65
C LEU B 128 -18.90 1.26 -49.72
N ARG B 129 -19.13 2.57 -49.78
CA ARG B 129 -20.16 3.20 -48.96
C ARG B 129 -21.54 2.64 -49.28
N ASP B 130 -21.97 2.78 -50.53
CA ASP B 130 -23.28 2.27 -50.93
C ASP B 130 -23.29 0.74 -50.90
N LEU B 131 -24.30 0.19 -50.23
CA LEU B 131 -24.56 -1.24 -50.27
C LEU B 131 -25.03 -1.71 -51.65
N ASP B 132 -25.59 -0.82 -52.47
CA ASP B 132 -26.12 -1.20 -53.77
C ASP B 132 -25.05 -1.28 -54.85
N ALA B 133 -23.88 -0.68 -54.64
CA ALA B 133 -22.87 -0.67 -55.69
C ALA B 133 -22.18 -2.02 -55.77
N GLU B 134 -21.71 -2.34 -56.99
CA GLU B 134 -20.80 -3.45 -57.22
C GLU B 134 -19.41 -2.92 -57.55
N PRO B 135 -18.36 -3.32 -56.83
CA PRO B 135 -17.06 -2.66 -57.00
C PRO B 135 -16.43 -2.99 -58.34
N GLY B 136 -15.79 -1.98 -58.93
CA GLY B 136 -15.07 -2.15 -60.16
C GLY B 136 -13.77 -2.92 -59.98
N ARG B 137 -13.18 -3.30 -61.11
CA ARG B 137 -11.98 -4.14 -61.10
C ARG B 137 -10.85 -3.49 -60.31
N LYS B 138 -10.68 -2.17 -60.47
CA LYS B 138 -9.64 -1.46 -59.74
C LYS B 138 -10.04 -1.15 -58.30
N GLU B 139 -11.34 -0.94 -58.05
CA GLU B 139 -11.79 -0.65 -56.70
C GLU B 139 -11.58 -1.82 -55.75
N LYS B 140 -11.84 -3.05 -56.20
CA LYS B 140 -11.61 -4.22 -55.36
C LYS B 140 -10.16 -4.30 -54.92
N GLU B 141 -9.23 -3.97 -55.81
CA GLU B 141 -7.82 -3.98 -55.44
C GLU B 141 -7.47 -2.80 -54.55
N GLU B 142 -8.03 -1.62 -54.81
CA GLU B 142 -7.75 -0.49 -53.93
C GLU B 142 -8.24 -0.77 -52.51
N MET B 143 -9.43 -1.36 -52.37
CA MET B 143 -9.92 -1.74 -51.05
C MET B 143 -9.02 -2.76 -50.37
N LYS B 144 -8.52 -3.75 -51.12
CA LYS B 144 -7.56 -4.67 -50.52
C LYS B 144 -6.28 -3.99 -50.11
N ARG B 145 -5.80 -3.03 -50.92
CA ARG B 145 -4.60 -2.28 -50.55
C ARG B 145 -4.83 -1.46 -49.29
N ILE B 146 -5.99 -0.81 -49.17
CA ILE B 146 -6.26 0.00 -47.98
C ILE B 146 -6.33 -0.90 -46.74
N GLU B 147 -6.98 -2.06 -46.85
CA GLU B 147 -6.96 -3.02 -45.75
C GLU B 147 -5.53 -3.39 -45.35
N ASP B 148 -4.71 -3.80 -46.31
CA ASP B 148 -3.32 -4.12 -46.04
C ASP B 148 -2.55 -2.96 -45.40
N PHE B 149 -2.72 -1.75 -45.94
CA PHE B 149 -2.14 -0.54 -45.34
C PHE B 149 -2.53 -0.37 -43.88
N ILE B 150 -3.82 -0.53 -43.56
CA ILE B 150 -4.26 -0.43 -42.17
C ILE B 150 -3.59 -1.49 -41.31
N VAL B 151 -3.68 -2.76 -41.72
CA VAL B 151 -3.01 -3.84 -40.99
C VAL B 151 -1.56 -3.50 -40.71
N ASN B 152 -0.80 -3.14 -41.75
CA ASN B 152 0.59 -2.74 -41.58
C ASN B 152 0.76 -1.36 -40.96
N THR B 153 -0.31 -0.60 -40.82
CA THR B 153 -0.26 0.77 -40.26
C THR B 153 0.60 1.68 -41.15
N GLY B 154 0.77 1.32 -42.42
CA GLY B 154 1.70 2.02 -43.28
C GLY B 154 1.91 1.25 -44.56
N LYS B 155 2.59 1.92 -45.49
CA LYS B 155 2.70 1.42 -46.86
C LYS B 155 3.50 0.11 -46.91
N ASP B 156 4.73 0.16 -46.41
CA ASP B 156 5.58 -1.03 -46.32
C ASP B 156 5.34 -1.80 -45.03
N LYS B 157 5.68 -3.09 -45.08
CA LYS B 157 5.83 -3.92 -43.89
C LYS B 157 7.10 -3.54 -43.14
N ASP B 158 6.98 -3.39 -41.82
CA ASP B 158 8.13 -3.07 -40.98
C ASP B 158 7.82 -3.57 -39.57
N VAL B 159 8.55 -4.60 -39.14
CA VAL B 159 8.41 -5.19 -37.81
C VAL B 159 8.66 -4.18 -36.69
N ASP B 160 9.38 -3.10 -36.96
CA ASP B 160 9.60 -2.07 -35.95
C ASP B 160 8.39 -1.17 -35.72
N ARG B 161 7.43 -1.16 -36.66
CA ARG B 161 6.24 -0.33 -36.50
C ARG B 161 5.17 -1.12 -35.76
N ASP B 162 4.36 -0.39 -34.98
CA ASP B 162 3.13 -0.96 -34.44
C ASP B 162 2.27 -1.59 -35.51
N SER B 163 1.72 -2.76 -35.18
CA SER B 163 0.55 -3.29 -35.84
C SER B 163 -0.70 -2.48 -35.46
N PHE B 164 -1.76 -2.68 -36.23
CA PHE B 164 -3.07 -2.13 -35.90
C PHE B 164 -3.53 -2.54 -34.51
N GLN B 165 -3.25 -3.77 -34.11
CA GLN B 165 -3.56 -4.21 -32.75
C GLN B 165 -2.87 -3.36 -31.69
N THR B 166 -1.56 -3.14 -31.83
CA THR B 166 -0.85 -2.30 -30.87
C THR B 166 -1.37 -0.88 -30.87
N PHE B 167 -1.68 -0.35 -32.07
CA PHE B 167 -2.27 0.98 -32.19
C PHE B 167 -3.60 1.09 -31.44
N CYS B 168 -4.49 0.13 -31.65
CA CYS B 168 -5.79 0.16 -30.98
C CYS B 168 -5.66 0.01 -29.47
N LYS B 169 -4.84 -0.93 -29.00
CA LYS B 169 -4.60 -1.04 -27.56
C LYS B 169 -4.06 0.25 -26.95
N LYS B 170 -3.13 0.91 -27.65
CA LYS B 170 -2.65 2.23 -27.23
C LYS B 170 -3.78 3.24 -27.11
N ILE B 171 -4.51 3.46 -28.20
CA ILE B 171 -5.52 4.53 -28.16
C ILE B 171 -6.67 4.20 -27.22
N VAL B 172 -6.98 2.92 -26.99
CA VAL B 172 -7.97 2.57 -25.95
C VAL B 172 -7.47 2.98 -24.57
N ARG B 173 -6.22 2.63 -24.25
CA ARG B 173 -5.65 3.08 -22.99
C ARG B 173 -5.70 4.60 -22.87
N ASP B 174 -5.35 5.31 -23.94
CA ASP B 174 -5.37 6.77 -23.92
C ASP B 174 -6.79 7.34 -23.75
N THR B 175 -7.79 6.75 -24.42
CA THR B 175 -9.16 7.19 -24.20
C THR B 175 -9.55 7.05 -22.74
N TYR B 176 -9.22 5.92 -22.13
CA TYR B 176 -9.73 5.67 -20.78
C TYR B 176 -8.87 6.30 -19.68
N ILE B 177 -7.67 6.77 -19.97
CA ILE B 177 -6.94 7.60 -19.00
C ILE B 177 -7.25 9.07 -19.23
N TYR B 178 -7.02 9.58 -20.44
CA TYR B 178 -7.03 11.01 -20.70
C TYR B 178 -8.33 11.52 -21.30
N ASP B 179 -9.13 10.66 -21.90
CA ASP B 179 -10.12 11.06 -22.90
C ASP B 179 -9.52 11.99 -23.96
N GLN B 180 -8.38 11.59 -24.51
CA GLN B 180 -7.78 12.30 -25.64
C GLN B 180 -6.94 11.29 -26.42
N VAL B 181 -7.25 11.13 -27.70
CA VAL B 181 -6.47 10.31 -28.62
C VAL B 181 -5.81 11.20 -29.66
N ASN B 182 -4.53 10.97 -29.90
CA ASN B 182 -3.82 11.63 -30.99
C ASN B 182 -3.00 10.60 -31.74
N PHE B 183 -2.99 10.69 -33.06
CA PHE B 183 -2.04 9.99 -33.90
C PHE B 183 -1.57 10.92 -35.01
N GLU B 184 -0.27 10.90 -35.28
CA GLU B 184 0.29 11.67 -36.39
C GLU B 184 0.19 10.90 -37.70
N LYS B 185 -0.13 11.64 -38.76
CA LYS B 185 -0.09 11.17 -40.14
C LYS B 185 1.17 11.67 -40.84
N VAL B 186 2.00 10.75 -41.31
CA VAL B 186 3.26 11.09 -41.98
C VAL B 186 3.08 10.87 -43.48
N PHE B 187 3.25 11.94 -44.25
CA PHE B 187 3.19 11.94 -45.71
C PHE B 187 4.56 11.73 -46.34
N ASN B 188 4.54 11.15 -47.54
CA ASN B 188 5.75 10.99 -48.34
C ASN B 188 6.47 12.32 -48.52
N LYS B 189 7.80 12.27 -48.38
CA LYS B 189 8.63 13.46 -48.48
C LYS B 189 8.65 14.01 -49.90
N ASN B 190 8.67 13.14 -50.90
CA ASN B 190 8.67 13.58 -52.29
C ASN B 190 7.29 14.07 -52.73
N ASN B 191 6.24 13.44 -52.24
CA ASN B 191 4.86 13.77 -52.62
C ASN B 191 4.05 13.97 -51.35
N LYS B 192 3.79 15.22 -51.01
CA LYS B 192 3.08 15.56 -49.79
C LYS B 192 1.64 15.06 -49.78
N THR B 193 1.10 14.73 -50.95
CA THR B 193 -0.27 14.25 -51.05
C THR B 193 -0.42 12.77 -50.69
N LYS B 194 0.69 12.02 -50.63
CA LYS B 194 0.66 10.59 -50.42
C LYS B 194 0.97 10.25 -48.96
N LEU B 195 0.01 9.63 -48.30
CA LEU B 195 0.16 9.14 -46.94
C LEU B 195 1.05 7.90 -46.90
N GLU B 196 1.99 7.87 -45.96
CA GLU B 196 2.87 6.73 -45.76
C GLU B 196 2.64 6.01 -44.43
N LYS B 197 2.42 6.74 -43.34
CA LYS B 197 2.30 6.12 -42.03
C LYS B 197 1.27 6.89 -41.21
N PHE B 198 0.72 6.21 -40.20
CA PHE B 198 0.08 6.86 -39.06
C PHE B 198 0.61 6.24 -37.78
N ILE B 199 0.94 7.09 -36.80
CA ILE B 199 1.56 6.67 -35.55
C ILE B 199 0.83 7.38 -34.41
N ALA B 200 0.49 6.63 -33.37
CA ALA B 200 -0.08 7.19 -32.14
C ALA B 200 0.94 8.01 -31.35
N VAL B 201 0.46 9.13 -30.80
CA VAL B 201 1.28 10.12 -30.11
C VAL B 201 0.75 10.30 -28.68
N ASP B 202 1.67 10.58 -27.76
CA ASP B 202 1.37 10.75 -26.34
C ASP B 202 0.42 11.93 -26.13
N PRO B 203 -0.84 11.70 -25.76
CA PRO B 203 -1.81 12.82 -25.66
C PRO B 203 -1.45 13.88 -24.63
N SER B 204 -0.70 13.53 -23.58
CA SER B 204 -0.29 14.50 -22.56
C SER B 204 0.66 15.56 -23.10
N THR B 205 1.25 15.35 -24.28
CA THR B 205 2.18 16.30 -24.89
C THR B 205 1.54 17.20 -25.94
N ILE B 206 0.29 16.96 -26.31
CA ILE B 206 -0.36 17.64 -27.43
C ILE B 206 -1.35 18.67 -26.89
N PHE B 207 -1.23 19.91 -27.38
CA PHE B 207 -2.05 21.04 -26.97
C PHE B 207 -2.50 21.80 -28.21
N TYR B 208 -3.65 22.47 -28.08
CA TYR B 208 -4.07 23.44 -29.10
C TYR B 208 -3.15 24.65 -29.12
N ALA B 209 -2.71 25.02 -30.31
CA ALA B 209 -1.91 26.23 -30.50
C ALA B 209 -2.83 27.44 -30.54
N THR B 210 -2.39 28.54 -29.95
CA THR B 210 -3.20 29.76 -29.82
C THR B 210 -2.48 30.95 -30.42
N ASP B 211 -3.22 31.76 -31.17
CA ASP B 211 -2.71 33.03 -31.67
C ASP B 211 -2.38 33.98 -30.53
N LYS B 212 -1.57 34.99 -30.85
CA LYS B 212 -1.25 36.05 -29.90
C LYS B 212 -2.51 36.73 -29.36
N LYS B 213 -3.58 36.79 -30.15
CA LYS B 213 -4.88 37.27 -29.71
C LYS B 213 -5.64 36.24 -28.87
N GLY B 214 -4.98 35.18 -28.41
CA GLY B 214 -5.63 34.19 -27.58
C GLY B 214 -6.63 33.30 -28.28
N LYS B 215 -6.81 33.44 -29.59
CA LYS B 215 -7.73 32.60 -30.34
C LYS B 215 -7.00 31.32 -30.75
N ILE B 216 -7.72 30.20 -30.72
CA ILE B 216 -7.16 28.95 -31.22
C ILE B 216 -6.95 29.05 -32.72
N ILE B 217 -5.78 28.59 -33.17
CA ILE B 217 -5.42 28.68 -34.58
C ILE B 217 -6.27 27.70 -35.38
N LYS B 218 -6.80 28.16 -36.51
CA LYS B 218 -7.42 27.29 -37.50
C LYS B 218 -6.79 27.55 -38.86
N GLY B 219 -6.65 26.49 -39.64
CA GLY B 219 -6.07 26.57 -40.97
C GLY B 219 -4.55 26.54 -40.99
N GLY B 220 -3.92 27.10 -39.97
CA GLY B 220 -2.48 26.98 -39.83
C GLY B 220 -2.03 25.78 -39.02
N LYS B 221 -0.96 25.96 -38.24
CA LYS B 221 -0.42 24.95 -37.34
C LYS B 221 -1.30 24.88 -36.08
N ARG B 222 -2.42 24.17 -36.22
CA ARG B 222 -3.43 24.10 -35.18
C ARG B 222 -2.92 23.46 -33.90
N PHE B 223 -1.93 22.58 -33.97
CA PHE B 223 -1.47 21.82 -32.82
C PHE B 223 0.03 22.03 -32.59
N VAL B 224 0.41 21.97 -31.31
CA VAL B 224 1.81 21.95 -30.90
C VAL B 224 2.03 20.75 -29.97
N GLN B 225 3.25 20.21 -30.02
CA GLN B 225 3.74 19.27 -29.02
C GLN B 225 4.61 20.02 -28.03
N VAL B 226 4.31 19.86 -26.75
CA VAL B 226 4.98 20.57 -25.67
C VAL B 226 5.68 19.54 -24.78
N VAL B 227 6.98 19.72 -24.59
CA VAL B 227 7.78 18.88 -23.70
C VAL B 227 8.61 19.80 -22.82
N ASP B 228 8.62 19.51 -21.51
CA ASP B 228 9.27 20.37 -20.52
C ASP B 228 8.81 21.82 -20.64
N LYS B 229 7.54 22.00 -21.00
CA LYS B 229 6.95 23.31 -21.21
C LYS B 229 7.69 24.14 -22.26
N ARG B 230 8.25 23.49 -23.29
CA ARG B 230 8.60 24.18 -24.52
C ARG B 230 8.05 23.40 -25.71
N VAL B 231 7.70 24.15 -26.76
CA VAL B 231 7.18 23.55 -27.98
C VAL B 231 8.31 22.86 -28.74
N VAL B 232 8.18 21.55 -28.94
CA VAL B 232 9.15 20.75 -29.67
C VAL B 232 8.70 20.43 -31.09
N ALA B 233 7.40 20.55 -31.38
CA ALA B 233 6.87 20.30 -32.72
C ALA B 233 5.55 21.03 -32.87
N SER B 234 5.09 21.13 -34.12
CA SER B 234 3.78 21.68 -34.42
C SER B 234 3.17 20.93 -35.60
N PHE B 235 1.84 21.00 -35.70
CA PHE B 235 1.11 20.21 -36.68
C PHE B 235 -0.10 21.00 -37.18
N THR B 236 -0.46 20.76 -38.44
CA THR B 236 -1.77 21.16 -38.94
C THR B 236 -2.83 20.10 -38.63
N SER B 237 -4.09 20.48 -38.85
CA SER B 237 -5.21 19.54 -38.84
C SER B 237 -4.99 18.37 -39.78
N ARG B 238 -4.25 18.59 -40.87
CA ARG B 238 -3.91 17.52 -41.80
C ARG B 238 -2.97 16.50 -41.19
N GLU B 239 -2.04 16.94 -40.34
CA GLU B 239 -0.98 16.05 -39.87
C GLU B 239 -1.30 15.35 -38.54
N LEU B 240 -2.22 15.88 -37.73
CA LEU B 240 -2.53 15.26 -36.45
C LEU B 240 -4.03 15.21 -36.22
N ALA B 241 -4.51 14.02 -35.87
CA ALA B 241 -5.87 13.83 -35.37
C ALA B 241 -5.96 14.18 -33.89
N MET B 242 -7.13 14.67 -33.48
CA MET B 242 -7.55 14.64 -32.08
C MET B 242 -8.95 14.04 -31.98
N GLY B 243 -9.10 13.09 -31.06
CA GLY B 243 -10.40 12.47 -30.80
C GLY B 243 -10.80 12.63 -29.35
N ILE B 244 -12.07 12.97 -29.14
CA ILE B 244 -12.63 13.20 -27.81
C ILE B 244 -13.98 12.51 -27.72
N ARG B 245 -14.20 11.78 -26.61
CA ARG B 245 -15.44 11.04 -26.40
C ARG B 245 -16.49 11.83 -25.65
N ASN B 246 -16.10 12.70 -24.70
CA ASN B 246 -17.02 13.37 -23.79
C ASN B 246 -16.97 14.88 -24.04
N PRO B 247 -17.48 15.35 -25.17
CA PRO B 247 -17.38 16.78 -25.49
C PRO B 247 -18.27 17.63 -24.61
N ARG B 248 -17.95 18.93 -24.58
CA ARG B 248 -18.71 19.91 -23.82
C ARG B 248 -18.88 21.17 -24.65
N THR B 249 -20.03 21.83 -24.50
CA THR B 249 -20.22 23.16 -25.05
C THR B 249 -19.59 24.24 -24.18
N GLU B 250 -19.38 23.97 -22.89
CA GLU B 250 -18.83 24.91 -21.93
C GLU B 250 -17.66 25.69 -22.52
N LEU B 251 -17.79 27.02 -22.54
CA LEU B 251 -16.80 27.87 -23.20
C LEU B 251 -15.40 27.61 -22.67
N SER B 252 -15.26 27.53 -21.35
CA SER B 252 -13.94 27.33 -20.75
C SER B 252 -13.39 25.91 -20.93
N SER B 253 -14.20 24.95 -21.37
CA SER B 253 -13.67 23.64 -21.69
C SER B 253 -12.67 23.68 -22.85
N SER B 254 -12.72 24.74 -23.66
CA SER B 254 -11.70 25.04 -24.66
C SER B 254 -11.48 23.89 -25.65
N GLY B 255 -12.52 23.08 -25.87
CA GLY B 255 -12.42 21.98 -26.81
C GLY B 255 -11.80 20.70 -26.29
N TYR B 256 -11.36 20.65 -25.03
CA TYR B 256 -10.81 19.43 -24.49
C TYR B 256 -11.91 18.50 -23.98
N GLY B 257 -11.54 17.24 -23.75
CA GLY B 257 -12.45 16.22 -23.27
C GLY B 257 -12.72 16.29 -21.79
N LEU B 258 -13.23 15.19 -21.26
CA LEU B 258 -13.57 15.08 -19.83
C LEU B 258 -13.36 13.64 -19.40
N SER B 259 -12.29 13.39 -18.66
CA SER B 259 -11.97 12.03 -18.21
C SER B 259 -12.88 11.61 -17.06
N GLU B 260 -13.36 10.36 -17.11
CA GLU B 260 -14.00 9.75 -15.96
C GLU B 260 -13.09 9.64 -14.74
N VAL B 261 -11.77 9.64 -14.94
CA VAL B 261 -10.84 9.71 -13.81
C VAL B 261 -10.98 11.04 -13.08
N GLU B 262 -11.20 12.13 -13.81
CA GLU B 262 -11.46 13.40 -13.15
C GLU B 262 -12.76 13.37 -12.37
N ILE B 263 -13.84 12.87 -12.98
CA ILE B 263 -15.15 12.83 -12.32
C ILE B 263 -15.09 11.93 -11.10
N ALA B 264 -14.52 10.74 -11.24
CA ALA B 264 -14.48 9.72 -10.18
C ALA B 264 -13.34 9.88 -9.19
N MET B 265 -12.58 10.98 -9.25
CA MET B 265 -11.30 11.06 -8.54
C MET B 265 -11.47 10.87 -7.02
N LYS B 266 -12.50 11.49 -6.44
CA LYS B 266 -12.82 11.26 -5.03
C LYS B 266 -13.04 9.79 -4.71
N GLU B 267 -13.81 9.10 -5.55
CA GLU B 267 -14.01 7.66 -5.38
C GLU B 267 -12.71 6.86 -5.44
N PHE B 268 -11.84 7.18 -6.41
CA PHE B 268 -10.54 6.51 -6.46
C PHE B 268 -9.69 6.77 -5.21
N ILE B 269 -9.72 8.00 -4.70
CA ILE B 269 -9.00 8.31 -3.47
C ILE B 269 -9.56 7.53 -2.28
N ALA B 270 -10.88 7.54 -2.11
CA ALA B 270 -11.52 6.75 -1.07
C ALA B 270 -11.17 5.26 -1.16
N TYR B 271 -11.22 4.70 -2.37
CA TYR B 271 -10.76 3.34 -2.59
C TYR B 271 -9.33 3.12 -2.10
N ASN B 272 -8.39 3.94 -2.59
CA ASN B 272 -7.00 3.86 -2.15
C ASN B 272 -6.86 3.92 -0.63
N ASN B 273 -7.56 4.84 0.02
CA ASN B 273 -7.48 4.94 1.47
C ASN B 273 -8.02 3.71 2.17
N THR B 274 -9.15 3.16 1.72
CA THR B 274 -9.69 1.97 2.38
C THR B 274 -8.80 0.75 2.16
N GLU B 275 -8.15 0.67 1.00
CA GLU B 275 -7.17 -0.38 0.76
C GLU B 275 -5.96 -0.26 1.68
N SER B 276 -5.41 0.95 1.80
CA SER B 276 -4.29 1.17 2.72
C SER B 276 -4.70 0.86 4.17
N PHE B 277 -5.90 1.28 4.57
CA PHE B 277 -6.39 0.96 5.90
C PHE B 277 -6.41 -0.55 6.15
N ASN B 278 -7.00 -1.31 5.24
CA ASN B 278 -7.07 -2.76 5.43
C ASN B 278 -5.69 -3.43 5.41
N ASP B 279 -4.79 -2.94 4.56
CA ASP B 279 -3.43 -3.49 4.51
C ASP B 279 -2.60 -3.16 5.75
N ARG B 280 -2.80 -1.98 6.34
CA ARG B 280 -2.00 -1.56 7.48
C ARG B 280 -2.21 -2.38 8.76
N PHE B 281 -3.27 -3.19 8.85
CA PHE B 281 -3.33 -4.14 9.95
C PHE B 281 -2.08 -5.01 10.00
N PHE B 282 -1.66 -5.53 8.83
CA PHE B 282 -0.44 -6.31 8.73
C PHE B 282 0.78 -5.41 8.61
N SER B 283 0.75 -4.46 7.67
CA SER B 283 1.93 -3.68 7.35
C SER B 283 2.41 -2.87 8.57
N HIS B 284 1.47 -2.27 9.32
CA HIS B 284 1.80 -1.31 10.37
C HIS B 284 1.09 -1.56 11.69
N GLY B 285 0.10 -2.46 11.75
CA GLY B 285 -0.77 -2.50 12.89
C GLY B 285 -0.16 -3.24 14.07
N GLY B 286 -0.81 -3.06 15.22
CA GLY B 286 -0.71 -4.02 16.30
C GLY B 286 -1.73 -5.14 16.22
N THR B 287 -1.27 -6.34 15.88
CA THR B 287 -2.09 -7.53 15.86
C THR B 287 -2.22 -8.18 17.22
N THR B 288 -1.57 -7.64 18.25
CA THR B 288 -1.48 -8.28 19.56
C THR B 288 -2.86 -8.64 20.12
N ARG B 289 -3.05 -9.93 20.38
CA ARG B 289 -4.34 -10.42 20.82
C ARG B 289 -4.78 -9.77 22.13
N GLY B 290 -3.85 -9.63 23.07
CA GLY B 290 -4.22 -9.19 24.40
C GLY B 290 -3.00 -9.17 25.31
N ILE B 291 -3.24 -8.76 26.56
CA ILE B 291 -2.21 -8.70 27.58
C ILE B 291 -2.52 -9.76 28.64
N LEU B 292 -1.52 -10.56 28.97
CA LEU B 292 -1.57 -11.48 30.11
C LEU B 292 -1.10 -10.72 31.35
N GLN B 293 -2.05 -10.29 32.18
CA GLN B 293 -1.72 -9.65 33.45
C GLN B 293 -1.53 -10.69 34.54
N ILE B 294 -0.30 -10.77 35.06
CA ILE B 294 0.03 -11.51 36.27
C ILE B 294 0.33 -10.45 37.33
N ARG B 295 -0.17 -10.64 38.54
CA ARG B 295 -0.01 -9.64 39.58
C ARG B 295 0.34 -10.28 40.92
N SER B 296 1.31 -9.68 41.60
CA SER B 296 1.70 -10.07 42.94
C SER B 296 2.21 -8.84 43.68
N ASP B 297 2.60 -9.03 44.94
CA ASP B 297 3.03 -7.92 45.79
C ASP B 297 4.06 -7.01 45.13
N GLN B 298 4.94 -7.57 44.29
CA GLN B 298 5.84 -6.73 43.51
C GLN B 298 6.15 -7.41 42.19
N GLN B 299 6.42 -6.59 41.17
CA GLN B 299 6.83 -7.09 39.87
C GLN B 299 8.12 -7.90 39.95
N GLN B 300 8.20 -8.95 39.12
CA GLN B 300 9.42 -9.72 38.97
C GLN B 300 10.56 -8.87 38.43
N SER B 301 11.79 -9.16 38.87
CA SER B 301 12.97 -8.63 38.22
C SER B 301 13.01 -9.05 36.75
N GLN B 302 13.79 -8.30 35.95
CA GLN B 302 13.94 -8.61 34.53
C GLN B 302 14.58 -9.98 34.33
N HIS B 303 15.55 -10.35 35.15
CA HIS B 303 16.17 -11.67 35.07
C HIS B 303 15.13 -12.77 35.30
N ALA B 304 14.38 -12.66 36.39
CA ALA B 304 13.31 -13.61 36.70
C ALA B 304 12.33 -13.73 35.54
N LEU B 305 11.93 -12.60 34.97
CA LEU B 305 10.97 -12.58 33.87
C LEU B 305 11.54 -13.20 32.59
N GLU B 306 12.82 -12.99 32.31
CA GLU B 306 13.43 -13.62 31.13
C GLU B 306 13.65 -15.13 31.29
N ASN B 307 13.94 -15.61 32.50
CA ASN B 307 13.99 -17.06 32.64
C ASN B 307 12.60 -17.67 32.80
N PHE B 308 11.59 -16.88 33.19
CA PHE B 308 10.22 -17.34 33.05
C PHE B 308 9.80 -17.44 31.58
N LYS B 309 10.24 -16.50 30.74
CA LYS B 309 10.09 -16.64 29.30
C LYS B 309 10.78 -17.89 28.75
N ARG B 310 11.92 -18.27 29.31
CA ARG B 310 12.56 -19.52 28.87
C ARG B 310 11.79 -20.75 29.33
N GLU B 311 11.33 -20.76 30.60
CA GLU B 311 10.43 -21.83 31.05
C GLU B 311 9.20 -21.93 30.17
N TRP B 312 8.64 -20.78 29.76
CA TRP B 312 7.45 -20.78 28.91
C TRP B 312 7.74 -21.38 27.55
N LYS B 313 8.70 -20.81 26.82
CA LYS B 313 8.94 -21.23 25.45
C LYS B 313 9.44 -22.67 25.36
N SER B 314 10.31 -23.09 26.28
CA SER B 314 10.75 -24.48 26.26
C SER B 314 9.65 -25.50 26.56
N SER B 315 8.49 -25.06 27.08
CA SER B 315 7.42 -25.97 27.45
C SER B 315 6.16 -25.85 26.60
N LEU B 316 5.92 -24.72 25.95
CA LEU B 316 4.61 -24.40 25.39
C LEU B 316 4.60 -23.92 23.95
N SER B 317 5.76 -23.61 23.35
CA SER B 317 5.77 -23.00 22.04
C SER B 317 5.67 -24.03 20.93
N GLY B 318 5.12 -23.58 19.80
CA GLY B 318 5.00 -24.31 18.55
C GLY B 318 4.11 -25.54 18.62
N ILE B 319 4.31 -26.41 17.63
CA ILE B 319 3.68 -27.73 17.63
C ILE B 319 4.15 -28.58 18.81
N ASN B 320 5.43 -28.47 19.17
CA ASN B 320 5.99 -29.30 20.23
C ASN B 320 5.26 -29.09 21.56
N GLY B 321 4.92 -27.85 21.89
CA GLY B 321 4.19 -27.53 23.11
C GLY B 321 2.68 -27.46 23.00
N SER B 322 2.12 -27.80 21.84
CA SER B 322 0.86 -27.20 21.42
C SER B 322 -0.32 -27.51 22.33
N TRP B 323 -0.35 -28.69 22.97
CA TRP B 323 -1.48 -29.05 23.83
C TRP B 323 -1.19 -29.05 25.32
N GLN B 324 0.02 -28.67 25.75
CA GLN B 324 0.30 -28.54 27.17
C GLN B 324 -0.37 -27.29 27.74
N ILE B 325 -0.70 -27.35 29.02
CA ILE B 325 -1.26 -26.21 29.76
C ILE B 325 -0.29 -25.84 30.87
N PRO B 326 0.12 -24.57 30.99
CA PRO B 326 0.90 -24.14 32.16
C PRO B 326 0.08 -24.10 33.43
N VAL B 327 0.69 -24.53 34.54
CA VAL B 327 0.20 -24.25 35.88
C VAL B 327 1.01 -23.09 36.44
N VAL B 328 0.31 -22.08 36.95
CA VAL B 328 0.92 -20.88 37.54
C VAL B 328 0.17 -20.57 38.82
N MET B 329 0.90 -20.17 39.86
CA MET B 329 0.34 -20.00 41.20
C MET B 329 0.45 -18.55 41.67
N ALA B 330 0.44 -17.61 40.73
CA ALA B 330 0.39 -16.19 41.06
C ALA B 330 -0.87 -15.86 41.86
N ASP B 331 -0.82 -14.72 42.56
CA ASP B 331 -1.96 -14.28 43.35
C ASP B 331 -3.20 -14.07 42.49
N ASP B 332 -3.04 -13.44 41.33
CA ASP B 332 -4.12 -13.39 40.36
C ASP B 332 -3.57 -13.30 38.95
N ILE B 333 -4.31 -13.88 38.01
CA ILE B 333 -3.96 -13.93 36.60
C ILE B 333 -5.16 -13.47 35.79
N LYS B 334 -4.93 -12.57 34.84
CA LYS B 334 -5.98 -12.02 34.00
C LYS B 334 -5.44 -11.88 32.59
N PHE B 335 -6.32 -12.05 31.61
CA PHE B 335 -6.01 -11.81 30.20
C PHE B 335 -6.98 -10.78 29.64
N VAL B 336 -6.43 -9.69 29.12
CA VAL B 336 -7.19 -8.56 28.60
C VAL B 336 -7.24 -8.67 27.08
N ASN B 337 -8.44 -8.76 26.54
CA ASN B 337 -8.63 -8.87 25.09
C ASN B 337 -8.60 -7.48 24.47
N MET B 338 -7.68 -7.28 23.52
CA MET B 338 -7.49 -6.01 22.84
C MET B 338 -7.96 -6.00 21.38
N THR B 339 -8.18 -7.17 20.79
CA THR B 339 -8.70 -7.26 19.43
C THR B 339 -9.83 -8.27 19.39
N PRO B 340 -10.64 -8.25 18.33
CA PRO B 340 -11.61 -9.34 18.12
C PRO B 340 -10.95 -10.69 17.95
N THR B 341 -11.63 -11.72 18.45
CA THR B 341 -11.15 -13.09 18.31
C THR B 341 -11.05 -13.51 16.85
N ALA B 342 -11.84 -12.90 15.97
CA ALA B 342 -11.86 -13.25 14.55
C ALA B 342 -11.82 -11.96 13.73
N ASN B 343 -10.65 -11.67 13.18
CA ASN B 343 -10.42 -10.50 12.33
C ASN B 343 -10.77 -10.81 10.88
N ASP B 344 -11.36 -9.83 10.21
CA ASP B 344 -11.50 -9.87 8.76
C ASP B 344 -11.50 -8.45 8.22
N MET B 345 -11.47 -8.34 6.89
CA MET B 345 -11.50 -7.04 6.22
C MET B 345 -12.69 -6.21 6.69
N GLN B 346 -12.52 -4.89 6.62
CA GLN B 346 -13.54 -3.93 6.97
C GLN B 346 -13.88 -3.04 5.76
N PHE B 347 -15.07 -2.45 5.80
CA PHE B 347 -15.54 -1.52 4.77
C PHE B 347 -15.72 -2.20 3.41
N GLU B 348 -16.07 -3.48 3.42
CA GLU B 348 -16.29 -4.22 2.18
C GLU B 348 -17.42 -3.61 1.36
N LYS B 349 -18.55 -3.32 2.01
CA LYS B 349 -19.66 -2.63 1.35
C LYS B 349 -19.26 -1.27 0.78
N TRP B 350 -18.49 -0.48 1.54
CA TRP B 350 -17.95 0.78 1.02
C TRP B 350 -17.17 0.61 -0.28
N LEU B 351 -16.24 -0.35 -0.30
CA LEU B 351 -15.51 -0.68 -1.52
C LEU B 351 -16.45 -1.05 -2.67
N ASN B 352 -17.37 -1.99 -2.44
CA ASN B 352 -18.35 -2.36 -3.46
C ASN B 352 -19.11 -1.15 -4.01
N TYR B 353 -19.65 -0.31 -3.13
CA TYR B 353 -20.31 0.94 -3.53
C TYR B 353 -19.44 1.80 -4.45
N LEU B 354 -18.22 2.10 -3.99
CA LEU B 354 -17.28 2.88 -4.79
C LEU B 354 -17.06 2.29 -6.17
N ILE B 355 -16.74 0.99 -6.24
CA ILE B 355 -16.45 0.37 -7.53
C ILE B 355 -17.70 0.28 -8.40
N ASN B 356 -18.89 0.12 -7.81
CA ASN B 356 -20.12 0.18 -8.60
C ASN B 356 -20.29 1.54 -9.25
N ILE B 357 -19.99 2.62 -8.53
CA ILE B 357 -20.01 3.95 -9.14
C ILE B 357 -19.00 4.05 -10.28
N ILE B 358 -17.74 3.71 -10.01
CA ILE B 358 -16.71 3.84 -11.05
C ILE B 358 -17.06 2.98 -12.27
N SER B 359 -17.55 1.77 -12.06
CA SER B 359 -17.99 0.92 -13.16
C SER B 359 -19.14 1.54 -13.93
N ALA B 360 -20.09 2.16 -13.22
CA ALA B 360 -21.22 2.82 -13.89
C ALA B 360 -20.80 4.01 -14.73
N LEU B 361 -19.76 4.73 -14.30
CA LEU B 361 -19.26 5.81 -15.15
C LEU B 361 -18.58 5.27 -16.42
N TYR B 362 -17.75 4.24 -16.29
CA TYR B 362 -17.14 3.63 -17.47
C TYR B 362 -18.09 2.77 -18.28
N GLY B 363 -19.26 2.41 -17.75
CA GLY B 363 -20.19 1.57 -18.48
C GLY B 363 -19.75 0.13 -18.56
N ILE B 364 -19.45 -0.47 -17.41
CA ILE B 364 -19.01 -1.86 -17.32
C ILE B 364 -19.76 -2.49 -16.15
N ASP B 365 -20.08 -3.76 -16.29
CA ASP B 365 -20.65 -4.51 -15.18
C ASP B 365 -19.57 -4.82 -14.12
N PRO B 366 -19.76 -4.41 -12.86
CA PRO B 366 -18.82 -4.85 -11.80
C PRO B 366 -18.54 -6.34 -11.77
N ALA B 367 -19.52 -7.18 -12.11
CA ALA B 367 -19.31 -8.62 -12.15
C ALA B 367 -18.21 -9.01 -13.13
N GLU B 368 -17.95 -8.18 -14.14
CA GLU B 368 -16.87 -8.45 -15.07
C GLU B 368 -15.49 -8.27 -14.42
N ILE B 369 -15.40 -7.44 -13.39
CA ILE B 369 -14.12 -7.14 -12.73
C ILE B 369 -14.07 -7.70 -11.31
N GLY B 370 -14.93 -8.66 -10.99
CA GLY B 370 -14.89 -9.34 -9.71
C GLY B 370 -15.54 -8.66 -8.53
N PHE B 371 -16.57 -7.85 -8.76
CA PHE B 371 -17.29 -7.16 -7.70
C PHE B 371 -18.78 -7.49 -7.78
N PRO B 372 -19.49 -7.58 -6.65
CA PRO B 372 -20.95 -7.65 -6.73
C PRO B 372 -21.54 -6.47 -7.47
N ASN B 373 -22.47 -6.76 -8.37
CA ASN B 373 -23.35 -5.76 -8.96
C ASN B 373 -24.44 -5.41 -7.94
N ARG B 374 -24.37 -4.20 -7.38
CA ARG B 374 -25.35 -3.76 -6.40
C ARG B 374 -26.76 -3.65 -7.00
N GLY B 375 -26.88 -3.57 -8.32
CA GLY B 375 -28.18 -3.75 -8.94
C GLY B 375 -28.73 -5.15 -8.80
N GLY B 376 -27.87 -6.12 -8.52
CA GLY B 376 -28.31 -7.46 -8.19
C GLY B 376 -28.55 -8.40 -9.36
N ALA B 377 -28.49 -7.90 -10.59
CA ALA B 377 -28.69 -8.75 -11.76
C ALA B 377 -27.84 -8.23 -12.91
N THR B 378 -27.50 -9.14 -13.82
CA THR B 378 -26.51 -8.89 -14.86
C THR B 378 -25.18 -8.48 -14.24
N GLN B 396 -24.02 -9.37 -19.94
CA GLN B 396 -23.56 -9.37 -21.32
C GLN B 396 -24.03 -8.09 -22.03
N GLN B 397 -25.28 -7.72 -21.74
CA GLN B 397 -25.88 -6.56 -22.38
C GLN B 397 -25.06 -5.31 -22.12
N SER B 398 -24.64 -5.11 -20.87
CA SER B 398 -23.81 -3.96 -20.52
C SER B 398 -22.43 -4.03 -21.18
N GLN B 399 -21.86 -5.23 -21.32
CA GLN B 399 -20.63 -5.37 -22.08
C GLN B 399 -20.80 -4.89 -23.53
N ASN B 400 -21.86 -5.36 -24.19
CA ASN B 400 -22.14 -4.91 -25.55
C ASN B 400 -22.33 -3.39 -25.61
N LYS B 401 -23.17 -2.85 -24.71
CA LYS B 401 -23.44 -1.42 -24.64
C LYS B 401 -22.19 -0.59 -24.35
N GLY B 402 -21.20 -1.16 -23.68
CA GLY B 402 -19.97 -0.43 -23.41
C GLY B 402 -18.91 -0.59 -24.47
N LEU B 403 -18.86 -1.75 -25.13
CA LEU B 403 -17.83 -1.98 -26.15
C LEU B 403 -18.22 -1.39 -27.50
N GLN B 404 -19.50 -1.46 -27.88
CA GLN B 404 -19.90 -0.90 -29.17
C GLN B 404 -19.57 0.58 -29.34
N PRO B 405 -19.79 1.46 -28.36
CA PRO B 405 -19.35 2.85 -28.54
C PRO B 405 -17.87 3.02 -28.76
N LEU B 406 -17.03 2.19 -28.13
CA LEU B 406 -15.59 2.31 -28.34
C LEU B 406 -15.20 1.91 -29.76
N LEU B 407 -15.80 0.84 -30.27
CA LEU B 407 -15.63 0.44 -31.66
C LEU B 407 -16.07 1.54 -32.61
N ARG B 408 -17.28 2.06 -32.44
CA ARG B 408 -17.75 3.16 -33.27
C ARG B 408 -16.84 4.38 -33.20
N PHE B 409 -16.32 4.72 -32.02
CA PHE B 409 -15.37 5.83 -31.91
C PHE B 409 -14.10 5.60 -32.74
N ILE B 410 -13.54 4.39 -32.65
CA ILE B 410 -12.37 4.06 -33.48
C ILE B 410 -12.71 4.12 -34.96
N GLU B 411 -13.86 3.56 -35.36
CA GLU B 411 -14.34 3.69 -36.73
C GLU B 411 -14.44 5.14 -37.19
N ASP B 412 -15.07 5.98 -36.38
CA ASP B 412 -15.20 7.40 -36.73
C ASP B 412 -13.84 8.05 -36.93
N LEU B 413 -12.89 7.80 -36.03
CA LEU B 413 -11.54 8.34 -36.20
C LEU B 413 -10.89 7.86 -37.49
N VAL B 414 -10.96 6.55 -37.76
CA VAL B 414 -10.35 6.00 -38.98
C VAL B 414 -10.99 6.59 -40.22
N ASN B 415 -12.32 6.64 -40.27
CA ASN B 415 -13.01 7.21 -41.43
C ASN B 415 -12.63 8.67 -41.66
N ARG B 416 -12.75 9.51 -40.64
CA ARG B 416 -12.43 10.93 -40.80
C ARG B 416 -10.97 11.14 -41.24
N HIS B 417 -10.02 10.44 -40.62
CA HIS B 417 -8.61 10.79 -40.80
C HIS B 417 -7.85 9.99 -41.84
N ILE B 418 -8.06 8.68 -41.98
CA ILE B 418 -7.28 7.87 -42.89
C ILE B 418 -7.99 7.66 -44.22
N ILE B 419 -9.14 7.01 -44.19
CA ILE B 419 -9.89 6.67 -45.41
C ILE B 419 -10.17 7.93 -46.23
N SER B 420 -10.45 9.05 -45.57
CA SER B 420 -10.66 10.31 -46.27
C SER B 420 -9.51 10.70 -47.20
N GLU B 421 -8.31 10.15 -47.00
CA GLU B 421 -7.26 10.32 -48.00
C GLU B 421 -7.62 9.64 -49.32
N TYR B 422 -8.44 8.60 -49.28
CA TYR B 422 -8.85 7.86 -50.47
C TYR B 422 -10.22 8.32 -51.01
N GLY B 423 -10.85 9.30 -50.37
CA GLY B 423 -12.13 9.81 -50.80
C GLY B 423 -13.31 9.07 -50.22
N ASP B 424 -14.47 9.71 -50.37
CA ASP B 424 -15.71 9.36 -49.66
C ASP B 424 -16.39 8.11 -50.20
N LYS B 425 -15.93 7.55 -51.32
CA LYS B 425 -16.59 6.36 -51.87
C LYS B 425 -16.43 5.13 -50.97
N TYR B 426 -15.39 5.08 -50.15
CA TYR B 426 -15.13 3.93 -49.30
C TYR B 426 -15.60 4.18 -47.86
N THR B 427 -15.76 3.10 -47.12
CA THR B 427 -16.03 3.18 -45.68
C THR B 427 -15.25 2.08 -44.96
N PHE B 428 -14.77 2.40 -43.76
CA PHE B 428 -14.17 1.44 -42.85
C PHE B 428 -15.19 1.05 -41.78
N GLN B 429 -15.41 -0.25 -41.61
CA GLN B 429 -16.26 -0.76 -40.54
C GLN B 429 -15.68 -2.02 -39.94
N PHE B 430 -15.80 -2.16 -38.62
CA PHE B 430 -15.71 -3.45 -37.97
C PHE B 430 -16.96 -4.27 -38.26
N VAL B 431 -16.78 -5.57 -38.48
CA VAL B 431 -17.89 -6.47 -38.79
C VAL B 431 -17.75 -7.73 -37.95
N GLY B 432 -18.87 -8.15 -37.34
CA GLY B 432 -18.96 -9.44 -36.70
C GLY B 432 -19.10 -10.57 -37.68
N GLY B 433 -19.06 -11.79 -37.15
CA GLY B 433 -19.26 -12.97 -37.95
C GLY B 433 -20.67 -13.07 -38.50
N ASP B 434 -20.94 -14.20 -39.13
CA ASP B 434 -22.27 -14.49 -39.67
C ASP B 434 -22.59 -15.97 -39.48
N THR B 435 -23.89 -16.26 -39.41
CA THR B 435 -24.39 -17.64 -39.34
C THR B 435 -24.83 -18.09 -40.74
N LYS B 436 -23.81 -18.30 -41.58
CA LYS B 436 -23.95 -18.56 -43.01
C LYS B 436 -23.10 -19.75 -43.41
N SER B 437 -23.21 -20.82 -42.62
CA SER B 437 -22.54 -22.08 -42.94
C SER B 437 -23.07 -22.63 -44.27
N ALA B 438 -22.42 -23.69 -44.72
CA ALA B 438 -22.93 -24.46 -45.86
C ALA B 438 -24.37 -24.92 -45.64
N THR B 439 -24.70 -25.36 -44.43
CA THR B 439 -26.09 -25.68 -44.11
C THR B 439 -27.02 -24.49 -44.34
N ASP B 440 -26.69 -23.32 -43.79
CA ASP B 440 -27.54 -22.15 -43.95
C ASP B 440 -27.65 -21.71 -45.41
N LYS B 441 -26.54 -21.72 -46.14
CA LYS B 441 -26.55 -21.40 -47.55
C LYS B 441 -27.39 -22.39 -48.36
N LEU B 442 -27.32 -23.67 -48.01
CA LEU B 442 -28.18 -24.66 -48.68
C LEU B 442 -29.65 -24.47 -48.34
N ASN B 443 -29.99 -24.14 -47.10
CA ASN B 443 -31.37 -23.80 -46.77
C ASN B 443 -31.86 -22.58 -47.58
N ILE B 444 -31.03 -21.55 -47.66
CA ILE B 444 -31.42 -20.37 -48.42
C ILE B 444 -31.61 -20.73 -49.88
N LEU B 445 -30.64 -21.39 -50.49
CA LEU B 445 -30.75 -21.78 -51.89
C LEU B 445 -31.90 -22.76 -52.13
N LYS B 446 -32.17 -23.64 -51.17
CA LYS B 446 -33.35 -24.50 -51.22
C LYS B 446 -34.65 -23.71 -51.28
N LEU B 447 -34.67 -22.50 -50.74
CA LEU B 447 -35.82 -21.64 -51.00
C LEU B 447 -35.69 -20.82 -52.30
N GLU B 448 -34.51 -20.27 -52.57
CA GLU B 448 -34.28 -19.49 -53.79
C GLU B 448 -34.51 -20.30 -55.07
N THR B 449 -34.27 -21.62 -55.04
CA THR B 449 -34.51 -22.46 -56.21
C THR B 449 -35.99 -22.75 -56.41
N GLN B 450 -36.80 -22.56 -55.39
CA GLN B 450 -38.25 -22.57 -55.58
C GLN B 450 -38.71 -21.20 -56.06
N ILE B 451 -38.09 -20.14 -55.53
CA ILE B 451 -38.59 -18.79 -55.73
C ILE B 451 -37.92 -18.13 -56.94
N PHE B 452 -36.61 -18.36 -57.15
CA PHE B 452 -35.86 -17.63 -58.17
C PHE B 452 -35.08 -18.50 -59.14
N LYS B 453 -34.26 -19.40 -58.59
CA LYS B 453 -33.08 -19.90 -59.28
C LYS B 453 -33.34 -21.21 -60.00
N THR B 454 -33.03 -21.24 -61.29
CA THR B 454 -32.89 -22.49 -62.01
C THR B 454 -31.64 -23.24 -61.55
N VAL B 455 -31.67 -24.56 -61.76
CA VAL B 455 -30.54 -25.43 -61.47
C VAL B 455 -29.23 -24.86 -62.02
N ASN B 456 -29.26 -24.37 -63.26
CA ASN B 456 -28.04 -23.88 -63.90
C ASN B 456 -27.53 -22.57 -63.29
N GLU B 457 -28.40 -21.67 -62.84
CA GLU B 457 -27.90 -20.50 -62.15
C GLU B 457 -27.18 -20.88 -60.86
N ALA B 458 -27.76 -21.79 -60.09
CA ALA B 458 -27.10 -22.32 -58.90
C ALA B 458 -25.74 -22.92 -59.22
N ARG B 459 -25.69 -23.84 -60.19
CA ARG B 459 -24.43 -24.47 -60.56
C ARG B 459 -23.42 -23.45 -61.05
N GLU B 460 -23.85 -22.45 -61.81
CA GLU B 460 -22.91 -21.41 -62.24
C GLU B 460 -22.36 -20.65 -61.05
N GLU B 461 -23.21 -20.32 -60.07
CA GLU B 461 -22.72 -19.72 -58.83
C GLU B 461 -21.76 -20.63 -58.07
N GLN B 462 -21.84 -21.94 -58.28
CA GLN B 462 -20.82 -22.86 -57.76
C GLN B 462 -19.61 -22.99 -58.68
N GLY B 463 -19.64 -22.40 -59.87
CA GLY B 463 -18.67 -22.70 -60.91
C GLY B 463 -18.80 -24.05 -61.55
N LYS B 464 -19.97 -24.68 -61.48
CA LYS B 464 -20.20 -26.02 -61.98
C LYS B 464 -20.95 -25.92 -63.30
N LYS B 465 -20.56 -26.77 -64.25
CA LYS B 465 -21.04 -26.65 -65.62
C LYS B 465 -22.57 -26.72 -65.65
N PRO B 466 -23.23 -25.87 -66.45
CA PRO B 466 -24.67 -26.04 -66.66
C PRO B 466 -24.99 -27.39 -67.30
N ILE B 467 -26.18 -27.91 -66.96
CA ILE B 467 -26.63 -29.22 -67.43
C ILE B 467 -27.92 -29.06 -68.22
N GLU B 468 -28.01 -29.84 -69.30
CA GLU B 468 -29.24 -30.05 -70.05
C GLU B 468 -30.34 -30.63 -69.16
N GLY B 469 -31.47 -29.92 -69.08
CA GLY B 469 -32.48 -30.16 -68.07
C GLY B 469 -32.42 -29.27 -66.86
N GLY B 470 -31.40 -28.43 -66.73
CA GLY B 470 -31.51 -27.25 -65.89
C GLY B 470 -32.38 -26.19 -66.54
N ASP B 471 -32.13 -24.92 -66.23
CA ASP B 471 -32.99 -23.81 -66.63
C ASP B 471 -34.44 -23.97 -66.18
N ILE B 472 -34.69 -24.74 -65.12
CA ILE B 472 -36.04 -24.92 -64.59
C ILE B 472 -36.04 -24.60 -63.09
N ILE B 473 -37.10 -23.93 -62.63
CA ILE B 473 -37.35 -23.80 -61.21
C ILE B 473 -37.79 -25.14 -60.64
N LEU B 474 -37.29 -25.47 -59.44
CA LEU B 474 -37.62 -26.71 -58.78
C LEU B 474 -38.97 -26.59 -58.04
N ASP B 475 -40.02 -26.39 -58.83
CA ASP B 475 -41.38 -26.42 -58.33
C ASP B 475 -42.24 -27.20 -59.32
N ALA B 476 -43.03 -28.15 -58.79
CA ALA B 476 -43.90 -28.95 -59.64
C ALA B 476 -44.88 -28.11 -60.43
N SER B 477 -45.35 -26.99 -59.87
CA SER B 477 -46.26 -26.13 -60.61
C SER B 477 -45.59 -25.47 -61.82
N PHE B 478 -44.32 -25.09 -61.69
CA PHE B 478 -43.61 -24.52 -62.84
C PHE B 478 -43.56 -25.50 -64.00
N LEU B 479 -43.26 -26.78 -63.72
CA LEU B 479 -43.23 -27.79 -64.77
C LEU B 479 -44.62 -28.10 -65.30
N GLN B 480 -45.63 -28.15 -64.43
CA GLN B 480 -47.00 -28.34 -64.89
C GLN B 480 -47.46 -27.20 -65.80
N GLY B 481 -47.01 -25.98 -65.51
CA GLY B 481 -47.22 -24.88 -66.45
C GLY B 481 -46.54 -25.08 -67.79
N THR B 482 -45.25 -25.40 -67.78
CA THR B 482 -44.58 -25.58 -69.07
C THR B 482 -45.16 -26.77 -69.86
N ALA B 483 -45.59 -27.81 -69.15
CA ALA B 483 -46.28 -28.94 -69.78
C ALA B 483 -47.60 -28.54 -70.40
N GLN B 484 -48.31 -27.60 -69.76
CA GLN B 484 -49.47 -26.99 -70.39
C GLN B 484 -49.06 -26.21 -71.65
N LEU B 485 -48.12 -25.29 -71.52
CA LEU B 485 -47.76 -24.40 -72.62
C LEU B 485 -47.30 -25.18 -73.85
N GLN B 486 -46.62 -26.31 -73.65
CA GLN B 486 -46.27 -27.17 -74.77
C GLN B 486 -47.50 -27.63 -75.55
N GLN B 487 -48.52 -28.12 -74.85
CA GLN B 487 -49.77 -28.52 -75.49
C GLN B 487 -50.44 -27.34 -76.18
N ASP B 488 -50.48 -26.19 -75.52
CA ASP B 488 -50.97 -24.96 -76.15
C ASP B 488 -50.28 -24.67 -77.49
N LYS B 489 -48.95 -24.75 -77.51
CA LYS B 489 -48.22 -24.60 -78.77
C LYS B 489 -48.62 -25.64 -79.80
N GLN B 490 -48.70 -26.92 -79.41
CA GLN B 490 -49.05 -27.96 -80.37
C GLN B 490 -50.46 -27.82 -80.92
N TYR B 491 -51.38 -27.31 -80.11
CA TYR B 491 -52.72 -26.99 -80.59
C TYR B 491 -52.70 -25.82 -81.56
N ASN B 492 -52.06 -24.71 -81.20
CA ASN B 492 -52.07 -23.58 -82.11
C ASN B 492 -51.36 -23.89 -83.42
N ASP B 493 -50.29 -24.69 -83.35
CA ASP B 493 -49.63 -25.19 -84.56
C ASP B 493 -50.59 -25.99 -85.45
N GLY B 494 -51.34 -26.93 -84.86
CA GLY B 494 -52.32 -27.67 -85.65
C GLY B 494 -53.39 -26.78 -86.24
N LYS B 495 -53.99 -25.92 -85.42
CA LYS B 495 -55.02 -25.00 -85.88
C LYS B 495 -54.54 -24.15 -87.05
N GLN B 496 -53.37 -23.51 -86.90
CA GLN B 496 -52.88 -22.61 -87.94
C GLN B 496 -52.48 -23.35 -89.22
N LYS B 497 -51.86 -24.53 -89.09
CA LYS B 497 -51.55 -25.30 -90.29
C LYS B 497 -52.81 -25.76 -91.01
N GLU B 498 -53.83 -26.21 -90.27
CA GLU B 498 -55.08 -26.62 -90.92
C GLU B 498 -55.84 -25.44 -91.52
N ARG B 499 -55.76 -24.27 -90.90
CA ARG B 499 -56.26 -23.04 -91.53
C ARG B 499 -55.56 -22.75 -92.85
N LEU B 500 -54.23 -22.81 -92.86
CA LEU B 500 -53.50 -22.59 -94.11
C LEU B 500 -53.87 -23.64 -95.15
N GLN B 501 -53.95 -24.91 -94.76
CA GLN B 501 -54.31 -25.97 -95.70
C GLN B 501 -55.70 -25.76 -96.30
N MET B 502 -56.66 -25.30 -95.49
CA MET B 502 -57.97 -24.96 -96.02
C MET B 502 -57.93 -23.78 -96.97
N MET B 503 -57.18 -22.72 -96.62
CA MET B 503 -57.03 -21.59 -97.52
C MET B 503 -56.42 -22.01 -98.86
N MET B 504 -55.40 -22.87 -98.82
CA MET B 504 -54.80 -23.38 -100.04
C MET B 504 -55.74 -24.30 -100.81
N SER B 505 -56.62 -25.03 -100.12
CA SER B 505 -57.60 -25.84 -100.83
C SER B 505 -58.64 -24.97 -101.53
N LEU B 506 -59.08 -23.90 -100.89
CA LEU B 506 -60.16 -23.09 -101.44
C LEU B 506 -59.65 -22.26 -102.62
ZN ZN E . 12.81 -2.75 31.03
#